data_5BQP
#
_entry.id   5BQP
#
_cell.length_a   132.218
_cell.length_b   132.218
_cell.length_c   103.102
_cell.angle_alpha   90.000
_cell.angle_beta   90.000
_cell.angle_gamma   120.000
#
_symmetry.space_group_name_H-M   'P 32 2 1'
#
loop_
_entity.id
_entity.type
_entity.pdbx_description
1 polymer 'Purine phosphoribosyltransferase (GpT-2)'
2 non-polymer 2,3-dihydroxanthosine
3 non-polymer 'PHOSPHATE ION'
4 non-polymer 'SULFATE ION'
5 non-polymer 'TETRAETHYLENE GLYCOL'
6 non-polymer GLYCEROL
7 non-polymer 'TRIETHYLENE GLYCOL'
8 water water
#
_entity_poly.entity_id   1
_entity_poly.type   'polypeptide(L)'
_entity_poly.pdbx_seq_one_letter_code
;MVEYHIPSWDEIEDAVFSIGEALVKSNYIPDVLIAVLTGGIIPAKLLSDLLDLKVIRYIDIKFYRSVGKTESKPVIRSVY
TDSLEGKKVLVVDDVADTGETLEAVSNVITMFNPAKVMTAALYLKPWSKRIPDFYYKQIDKWIIFPWDKWDVVRENSNVP
VDKKERFLNLYNQLLKIRK
;
_entity_poly.pdbx_strand_id   A,B,C,D
#
loop_
_chem_comp.id
_chem_comp.type
_chem_comp.name
_chem_comp.formula
4UO non-polymer 2,3-dihydroxanthosine 'C10 H12 N4 O6'
GOL non-polymer GLYCEROL 'C3 H8 O3'
PG4 non-polymer 'TETRAETHYLENE GLYCOL' 'C8 H18 O5'
PGE non-polymer 'TRIETHYLENE GLYCOL' 'C6 H14 O4'
PO4 non-polymer 'PHOSPHATE ION' 'O4 P -3'
SO4 non-polymer 'SULFATE ION' 'O4 S -2'
#
# COMPACT_ATOMS: atom_id res chain seq x y z
N GLU A 3 20.63 15.75 -28.53
CA GLU A 3 20.16 14.47 -27.99
C GLU A 3 20.78 14.13 -26.63
N TYR A 4 22.05 14.46 -26.42
CA TYR A 4 22.63 14.40 -25.06
C TYR A 4 22.74 15.81 -24.48
N HIS A 5 22.51 15.96 -23.18
CA HIS A 5 22.94 17.17 -22.49
C HIS A 5 24.19 16.78 -21.68
N ILE A 6 25.29 17.50 -21.87
CA ILE A 6 26.56 17.05 -21.31
C ILE A 6 27.12 18.19 -20.45
N PRO A 7 26.66 18.29 -19.21
CA PRO A 7 27.04 19.47 -18.40
C PRO A 7 28.51 19.46 -18.06
N SER A 8 29.10 20.64 -18.13
CA SER A 8 30.45 20.84 -17.62
C SER A 8 30.45 20.70 -16.09
N TRP A 9 31.63 20.55 -15.49
CA TRP A 9 31.68 20.64 -14.03
C TRP A 9 31.22 22.02 -13.57
N ASP A 10 31.55 23.06 -14.34
CA ASP A 10 31.06 24.40 -13.97
C ASP A 10 29.52 24.45 -13.88
N GLU A 11 28.84 23.80 -14.80
CA GLU A 11 27.38 23.74 -14.71
C GLU A 11 26.92 22.93 -13.49
N ILE A 12 27.60 21.83 -13.18
CA ILE A 12 27.26 21.08 -11.96
C ILE A 12 27.37 21.97 -10.70
N GLU A 13 28.45 22.75 -10.64
CA GLU A 13 28.63 23.71 -9.52
C GLU A 13 27.46 24.68 -9.45
N ASP A 14 27.03 25.18 -10.59
CA ASP A 14 25.91 26.10 -10.55
C ASP A 14 24.59 25.44 -10.22
N ALA A 15 24.44 24.16 -10.58
CA ALA A 15 23.26 23.40 -10.11
C ALA A 15 23.26 23.26 -8.58
N VAL A 16 24.44 23.01 -8.01
CA VAL A 16 24.51 22.82 -6.55
C VAL A 16 24.27 24.18 -5.85
N PHE A 17 24.85 25.23 -6.36
CA PHE A 17 24.57 26.58 -5.82
C PHE A 17 23.07 26.89 -5.88
N SER A 18 22.44 26.55 -7.01
CA SER A 18 21.01 26.86 -7.15
C SER A 18 20.19 26.12 -6.10
N ILE A 19 20.49 24.84 -5.91
CA ILE A 19 19.79 24.11 -4.88
C ILE A 19 20.10 24.63 -3.49
N GLY A 20 21.36 24.98 -3.23
CA GLY A 20 21.71 25.48 -1.90
C GLY A 20 21.00 26.79 -1.64
N GLU A 21 20.97 27.67 -2.65
CA GLU A 21 20.22 28.92 -2.52
C GLU A 21 18.71 28.70 -2.30
N ALA A 22 18.14 27.68 -2.92
CA ALA A 22 16.71 27.36 -2.77
C ALA A 22 16.42 26.82 -1.39
N LEU A 23 17.33 26.00 -0.85
CA LEU A 23 17.16 25.45 0.47
C LEU A 23 17.17 26.58 1.49
N VAL A 24 18.10 27.51 1.30
CA VAL A 24 18.19 28.62 2.27
C VAL A 24 16.95 29.54 2.14
N LYS A 25 16.52 29.81 0.92
CA LYS A 25 15.32 30.64 0.71
C LYS A 25 14.08 30.00 1.32
N SER A 26 14.00 28.68 1.21
CA SER A 26 12.87 27.92 1.78
C SER A 26 12.97 27.68 3.26
N ASN A 27 14.10 28.05 3.86
CA ASN A 27 14.38 27.74 5.25
C ASN A 27 14.24 26.25 5.52
N TYR A 28 14.76 25.43 4.60
CA TYR A 28 14.88 24.01 4.88
C TYR A 28 16.36 23.66 4.92
N ILE A 29 16.96 23.71 6.10
CA ILE A 29 18.34 23.30 6.28
C ILE A 29 18.33 21.89 6.90
N PRO A 30 18.68 20.87 6.10
CA PRO A 30 18.54 19.51 6.64
C PRO A 30 19.53 19.21 7.72
N ASP A 31 19.09 18.38 8.64
CA ASP A 31 19.99 17.78 9.61
C ASP A 31 20.85 16.69 8.99
N VAL A 32 20.30 15.96 8.02
CA VAL A 32 20.99 14.80 7.44
C VAL A 32 20.75 14.81 5.94
N LEU A 33 21.80 14.68 5.15
CA LEU A 33 21.65 14.38 3.73
C LEU A 33 21.64 12.88 3.53
N ILE A 34 20.72 12.37 2.73
CA ILE A 34 20.76 10.95 2.32
C ILE A 34 21.13 10.94 0.83
N ALA A 35 22.37 10.56 0.55
CA ALA A 35 22.85 10.44 -0.81
C ALA A 35 22.38 9.13 -1.41
N VAL A 36 21.74 9.24 -2.56
CA VAL A 36 21.40 8.06 -3.33
C VAL A 36 22.63 7.53 -4.03
N LEU A 37 23.12 6.34 -3.66
CA LEU A 37 24.34 5.79 -4.30
C LEU A 37 24.00 5.21 -5.67
N THR A 38 24.83 5.46 -6.70
CA THR A 38 26.07 6.25 -6.57
C THR A 38 25.96 7.59 -7.30
N GLY A 39 24.86 7.82 -8.02
CA GLY A 39 24.69 9.06 -8.78
C GLY A 39 24.56 10.30 -7.88
N GLY A 40 24.07 10.10 -6.66
CA GLY A 40 23.85 11.23 -5.75
C GLY A 40 25.09 11.59 -4.94
N ILE A 41 26.14 10.80 -5.06
CA ILE A 41 27.40 10.93 -4.29
CA ILE A 41 27.22 11.00 -4.10
C ILE A 41 28.03 12.30 -4.42
N ILE A 42 28.34 12.65 -5.67
CA ILE A 42 28.98 13.95 -5.95
C ILE A 42 28.05 15.13 -5.57
N PRO A 43 26.79 15.13 -6.04
CA PRO A 43 25.89 16.20 -5.60
C PRO A 43 25.79 16.33 -4.08
N ALA A 44 25.70 15.21 -3.35
CA ALA A 44 25.56 15.32 -1.90
C ALA A 44 26.82 15.91 -1.28
N LYS A 45 27.99 15.46 -1.75
CA LYS A 45 29.23 16.00 -1.18
C LYS A 45 29.38 17.48 -1.49
N LEU A 46 29.04 17.88 -2.73
CA LEU A 46 29.17 19.30 -3.07
C LEU A 46 28.17 20.13 -2.28
N LEU A 47 26.95 19.64 -2.11
CA LEU A 47 25.97 20.38 -1.32
C LEU A 47 26.39 20.46 0.15
N SER A 48 26.88 19.36 0.69
CA SER A 48 27.41 19.35 2.05
C SER A 48 28.54 20.38 2.22
N ASP A 49 29.45 20.43 1.25
CA ASP A 49 30.54 21.41 1.37
C ASP A 49 30.00 22.84 1.34
N LEU A 50 29.06 23.07 0.44
CA LEU A 50 28.51 24.40 0.26
C LEU A 50 27.78 24.92 1.53
N LEU A 51 26.91 24.10 2.13
CA LEU A 51 26.10 24.56 3.26
C LEU A 51 26.61 24.10 4.62
N ASP A 52 27.81 23.50 4.64
CA ASP A 52 28.42 23.05 5.88
C ASP A 52 27.51 22.02 6.55
N LEU A 53 26.98 21.08 5.76
CA LEU A 53 26.13 20.04 6.30
C LEU A 53 26.96 18.83 6.63
N LYS A 54 27.12 18.56 7.92
CA LYS A 54 28.18 17.65 8.33
C LYS A 54 27.76 16.17 8.34
N VAL A 55 26.46 15.91 8.29
CA VAL A 55 25.97 14.53 8.43
C VAL A 55 25.42 14.06 7.09
N ILE A 56 26.19 13.18 6.45
CA ILE A 56 25.78 12.54 5.21
C ILE A 56 25.62 11.05 5.46
N ARG A 57 24.48 10.50 5.07
CA ARG A 57 24.26 9.07 5.13
C ARG A 57 23.87 8.61 3.72
N TYR A 58 23.71 7.31 3.52
CA TYR A 58 23.74 6.75 2.15
C TYR A 58 22.77 5.61 1.96
N ILE A 59 22.19 5.50 0.76
CA ILE A 59 21.36 4.32 0.48
C ILE A 59 21.77 3.77 -0.88
N ASP A 60 22.09 2.47 -0.90
CA ASP A 60 22.55 1.80 -2.13
C ASP A 60 21.32 1.28 -2.83
N ILE A 61 20.95 1.94 -3.91
CA ILE A 61 19.74 1.51 -4.60
C ILE A 61 20.10 1.50 -6.09
N LYS A 62 19.66 0.47 -6.79
CA LYS A 62 19.95 0.31 -8.21
CA LYS A 62 19.95 0.32 -8.21
C LYS A 62 18.67 0.08 -8.99
N PHE A 63 18.56 0.72 -10.14
CA PHE A 63 17.38 0.59 -10.98
C PHE A 63 17.80 0.13 -12.37
N SER A 72 13.37 -4.14 -13.73
CA SER A 72 12.42 -3.11 -14.13
C SER A 72 11.92 -2.36 -12.91
N LYS A 73 12.69 -2.43 -11.83
CA LYS A 73 12.30 -1.82 -10.56
C LYS A 73 13.54 -1.47 -9.74
N PRO A 74 13.44 -0.42 -8.90
CA PRO A 74 14.55 -0.13 -7.99
C PRO A 74 14.75 -1.27 -6.99
N VAL A 75 15.99 -1.63 -6.74
CA VAL A 75 16.31 -2.66 -5.74
C VAL A 75 17.21 -2.02 -4.68
N ILE A 76 16.84 -2.10 -3.42
CA ILE A 76 17.72 -1.64 -2.34
C ILE A 76 18.74 -2.71 -2.03
N ARG A 77 20.03 -2.35 -2.00
CA ARG A 77 21.08 -3.29 -1.67
C ARG A 77 21.57 -3.09 -0.24
N SER A 78 21.52 -1.85 0.25
CA SER A 78 21.91 -1.60 1.62
C SER A 78 21.45 -0.22 2.01
N VAL A 79 21.26 -0.01 3.32
CA VAL A 79 20.88 1.32 3.83
C VAL A 79 21.88 1.68 4.90
N TYR A 80 22.73 2.66 4.60
CA TYR A 80 23.80 3.02 5.50
C TYR A 80 23.41 4.23 6.34
N THR A 81 22.68 3.97 7.42
CA THR A 81 22.29 5.05 8.31
C THR A 81 21.89 4.51 9.65
N ASP A 82 22.08 5.34 10.66
CA ASP A 82 21.57 5.23 11.99
CA ASP A 82 21.42 4.98 11.93
C ASP A 82 20.17 5.85 12.07
N SER A 83 19.65 5.95 13.28
CA SER A 83 18.32 6.53 13.48
C SER A 83 18.16 7.93 12.89
N LEU A 84 17.05 8.15 12.21
CA LEU A 84 16.75 9.44 11.61
C LEU A 84 15.55 10.09 12.30
N GLU A 85 15.10 9.46 13.38
CA GLU A 85 13.92 9.92 14.05
C GLU A 85 14.09 11.36 14.54
N GLY A 86 13.11 12.19 14.20
CA GLY A 86 13.07 13.58 14.58
C GLY A 86 14.01 14.49 13.80
N LYS A 87 14.66 13.96 12.76
CA LYS A 87 15.59 14.76 11.95
C LYS A 87 14.94 15.29 10.68
N LYS A 88 15.44 16.43 10.21
CA LYS A 88 15.03 16.89 8.88
C LYS A 88 15.98 16.25 7.87
N VAL A 89 15.44 15.49 6.94
CA VAL A 89 16.27 14.76 5.97
C VAL A 89 16.11 15.34 4.58
N LEU A 90 17.20 15.40 3.82
CA LEU A 90 17.11 15.72 2.40
C LEU A 90 17.74 14.59 1.59
N VAL A 91 16.94 13.96 0.75
CA VAL A 91 17.40 12.93 -0.13
C VAL A 91 18.01 13.58 -1.37
N VAL A 92 19.20 13.16 -1.78
CA VAL A 92 19.92 13.83 -2.90
C VAL A 92 20.29 12.84 -3.99
N ASP A 93 19.87 13.13 -5.23
CA ASP A 93 20.27 12.30 -6.37
C ASP A 93 20.71 13.20 -7.51
N ASP A 94 21.25 12.61 -8.58
CA ASP A 94 21.68 13.44 -9.70
C ASP A 94 20.54 13.71 -10.69
N VAL A 95 19.71 12.71 -11.00
CA VAL A 95 18.63 12.96 -11.97
C VAL A 95 17.36 12.23 -11.50
N ALA A 96 16.22 12.88 -11.66
CA ALA A 96 14.94 12.16 -11.53
C ALA A 96 14.38 11.95 -12.95
N ASP A 97 14.35 10.68 -13.40
CA ASP A 97 13.89 10.36 -14.74
C ASP A 97 12.50 9.75 -14.65
N THR A 98 12.44 8.47 -14.28
CA THR A 98 11.11 7.86 -14.08
C THR A 98 10.54 8.33 -12.76
N GLY A 99 11.42 8.71 -11.83
CA GLY A 99 10.97 9.07 -10.51
C GLY A 99 10.86 7.88 -9.55
N GLU A 100 11.13 6.66 -10.04
CA GLU A 100 10.97 5.47 -9.22
C GLU A 100 12.02 5.40 -8.11
N THR A 101 13.21 5.90 -8.40
CA THR A 101 14.27 5.89 -7.37
C THR A 101 13.90 6.80 -6.20
N LEU A 102 13.54 8.07 -6.47
CA LEU A 102 13.16 8.98 -5.38
C LEU A 102 11.96 8.47 -4.62
N GLU A 103 11.00 7.88 -5.32
CA GLU A 103 9.85 7.29 -4.64
C GLU A 103 10.25 6.17 -3.68
N ALA A 104 11.05 5.22 -4.17
CA ALA A 104 11.53 4.13 -3.33
C ALA A 104 12.31 4.65 -2.12
N VAL A 105 13.21 5.60 -2.36
CA VAL A 105 14.02 6.10 -1.21
C VAL A 105 13.16 6.87 -0.24
N SER A 106 12.28 7.73 -0.75
CA SER A 106 11.41 8.48 0.17
C SER A 106 10.56 7.52 1.02
N ASN A 107 10.03 6.49 0.39
CA ASN A 107 9.22 5.51 1.09
C ASN A 107 9.96 4.83 2.22
N VAL A 108 11.19 4.39 1.96
CA VAL A 108 11.90 3.68 3.02
C VAL A 108 12.36 4.66 4.12
N ILE A 109 12.80 5.86 3.74
CA ILE A 109 13.28 6.80 4.75
C ILE A 109 12.11 7.25 5.64
N THR A 110 10.92 7.36 5.06
CA THR A 110 9.77 7.73 5.87
C THR A 110 9.52 6.71 6.98
N MET A 111 9.86 5.43 6.73
CA MET A 111 9.76 4.38 7.75
C MET A 111 10.66 4.58 8.99
N PHE A 112 11.65 5.47 8.87
CA PHE A 112 12.55 5.84 9.95
C PHE A 112 11.96 6.96 10.81
N ASN A 113 10.75 7.40 10.45
CA ASN A 113 10.04 8.47 11.18
C ASN A 113 10.86 9.75 11.37
N PRO A 114 11.42 10.29 10.26
CA PRO A 114 12.10 11.58 10.35
C PRO A 114 11.07 12.68 10.65
N ALA A 115 11.52 13.83 11.13
CA ALA A 115 10.62 14.97 11.30
C ALA A 115 10.08 15.40 9.94
N LYS A 116 10.95 15.34 8.93
CA LYS A 116 10.56 15.73 7.59
C LYS A 116 11.49 15.06 6.59
N VAL A 117 10.96 14.67 5.42
CA VAL A 117 11.79 14.24 4.29
C VAL A 117 11.47 15.10 3.09
N MET A 118 12.50 15.65 2.48
CA MET A 118 12.35 16.35 1.22
C MET A 118 13.33 15.76 0.26
N THR A 119 13.17 16.09 -1.02
CA THR A 119 14.04 15.49 -2.02
C THR A 119 14.70 16.55 -2.88
N ALA A 120 15.87 16.21 -3.41
CA ALA A 120 16.58 17.10 -4.34
C ALA A 120 17.20 16.27 -5.45
N ALA A 121 17.13 16.76 -6.67
CA ALA A 121 17.88 16.15 -7.77
C ALA A 121 18.42 17.28 -8.60
N LEU A 122 19.61 17.14 -9.17
CA LEU A 122 20.13 18.23 -10.02
C LEU A 122 19.20 18.47 -11.22
N TYR A 123 18.81 17.39 -11.88
CA TYR A 123 18.02 17.52 -13.12
C TYR A 123 16.74 16.69 -13.02
N LEU A 124 15.69 17.23 -13.63
CA LEU A 124 14.36 16.65 -13.65
C LEU A 124 13.91 16.42 -15.09
N LYS A 125 13.46 15.20 -15.42
CA LYS A 125 12.79 14.96 -16.72
C LYS A 125 11.31 15.32 -16.58
N PRO A 126 10.69 15.86 -17.64
CA PRO A 126 9.31 16.35 -17.51
C PRO A 126 8.25 15.25 -17.27
N TRP A 127 8.60 13.99 -17.50
CA TRP A 127 7.64 12.89 -17.29
C TRP A 127 7.78 12.19 -15.94
N SER A 128 8.71 12.65 -15.10
CA SER A 128 8.97 11.95 -13.85
C SER A 128 7.73 11.71 -12.99
N LYS A 129 7.61 10.51 -12.42
CA LYS A 129 6.48 10.13 -11.53
C LYS A 129 6.67 10.67 -10.12
N ARG A 130 7.84 11.26 -9.90
CA ARG A 130 8.11 11.94 -8.64
C ARG A 130 8.84 13.25 -8.90
N ILE A 131 8.24 14.37 -8.53
CA ILE A 131 8.86 15.67 -8.68
C ILE A 131 9.70 16.01 -7.44
N PRO A 132 11.00 16.30 -7.61
CA PRO A 132 11.76 16.66 -6.39
C PRO A 132 11.34 18.00 -5.81
N ASP A 133 11.49 18.13 -4.49
CA ASP A 133 11.18 19.41 -3.84
C ASP A 133 12.14 20.50 -4.28
N PHE A 134 13.37 20.12 -4.61
CA PHE A 134 14.38 21.06 -5.09
C PHE A 134 15.08 20.49 -6.31
N TYR A 135 15.26 21.29 -7.36
CA TYR A 135 16.05 20.85 -8.50
C TYR A 135 16.59 22.06 -9.24
N TYR A 136 17.54 21.82 -10.12
CA TYR A 136 18.19 22.91 -10.84
C TYR A 136 17.48 23.19 -12.16
N LYS A 137 17.41 22.17 -13.02
CA LYS A 137 16.78 22.35 -14.34
C LYS A 137 15.98 21.12 -14.75
N GLN A 138 14.85 21.40 -15.42
CA GLN A 138 14.10 20.38 -16.13
C GLN A 138 14.68 20.27 -17.54
N ILE A 139 14.95 19.04 -17.97
CA ILE A 139 15.71 18.74 -19.20
C ILE A 139 14.99 17.57 -19.86
N ASP A 140 14.83 17.54 -21.19
CA ASP A 140 14.26 16.32 -21.79
C ASP A 140 15.29 15.41 -22.50
N LYS A 141 16.55 15.84 -22.57
CA LYS A 141 17.64 15.05 -23.15
C LYS A 141 18.22 14.04 -22.16
N TRP A 142 18.89 13.00 -22.66
CA TRP A 142 19.66 12.13 -21.76
C TRP A 142 20.88 12.91 -21.23
N ILE A 143 21.06 12.92 -19.92
CA ILE A 143 22.16 13.67 -19.35
C ILE A 143 23.39 12.80 -19.21
N ILE A 144 24.55 13.29 -19.65
CA ILE A 144 25.81 12.60 -19.39
C ILE A 144 26.50 13.37 -18.25
N PHE A 145 26.53 12.78 -17.05
CA PHE A 145 27.22 13.44 -15.94
C PHE A 145 28.70 13.24 -15.99
N PRO A 146 29.48 14.18 -15.42
CA PRO A 146 30.92 13.97 -15.42
C PRO A 146 31.33 12.69 -14.70
N TRP A 147 30.49 12.20 -13.79
CA TRP A 147 30.82 11.03 -12.97
C TRP A 147 30.22 9.74 -13.51
N ASP A 148 29.44 9.82 -14.61
CA ASP A 148 29.00 8.54 -15.22
C ASP A 148 29.23 8.55 -16.72
N LYS A 149 30.08 9.46 -17.19
CA LYS A 149 30.33 9.56 -18.63
C LYS A 149 30.89 8.24 -19.19
N TRP A 150 31.70 7.51 -18.42
CA TRP A 150 32.28 6.28 -19.01
C TRP A 150 31.25 5.16 -18.97
N ASP A 151 30.38 5.18 -17.98
CA ASP A 151 29.24 4.27 -18.01
C ASP A 151 28.39 4.54 -19.26
N VAL A 152 28.14 5.80 -19.58
CA VAL A 152 27.35 6.09 -20.77
C VAL A 152 28.09 5.62 -22.03
N VAL A 153 29.40 5.81 -22.06
CA VAL A 153 30.20 5.31 -23.18
C VAL A 153 30.08 3.79 -23.29
N ARG A 154 30.05 3.11 -22.16
CA ARG A 154 30.02 1.63 -22.16
C ARG A 154 28.62 1.10 -22.51
N GLU A 155 27.60 1.92 -22.33
CA GLU A 155 26.21 1.46 -22.55
C GLU A 155 25.63 1.85 -23.91
N ASN A 156 26.42 2.51 -24.72
CA ASN A 156 25.94 3.05 -26.01
C ASN A 156 26.98 2.93 -27.09
N SER A 157 26.56 3.14 -28.34
CA SER A 157 27.45 2.90 -29.47
C SER A 157 28.46 3.99 -29.72
N ASN A 158 27.98 5.23 -29.70
CA ASN A 158 28.81 6.32 -30.15
C ASN A 158 28.48 7.61 -29.38
N VAL A 159 29.26 7.86 -28.36
CA VAL A 159 28.96 8.92 -27.40
C VAL A 159 30.01 10.00 -27.53
N PRO A 160 29.60 11.27 -27.73
CA PRO A 160 30.53 12.39 -27.96
C PRO A 160 31.05 13.07 -26.70
N VAL A 161 31.94 12.42 -25.96
CA VAL A 161 32.52 13.03 -24.76
C VAL A 161 34.00 13.29 -24.93
N ASP A 162 34.50 14.28 -24.21
CA ASP A 162 35.90 14.60 -24.20
C ASP A 162 36.69 13.48 -23.53
N LYS A 163 37.93 13.30 -23.99
CA LYS A 163 38.90 12.34 -23.46
C LYS A 163 38.51 10.90 -23.76
N LYS A 164 37.59 10.74 -24.71
CA LYS A 164 37.16 9.39 -25.09
C LYS A 164 38.29 8.52 -25.62
N GLU A 165 39.24 9.11 -26.34
CA GLU A 165 40.26 8.25 -26.94
C GLU A 165 41.20 7.72 -25.84
N ARG A 166 41.50 8.56 -24.86
CA ARG A 166 42.29 8.09 -23.69
C ARG A 166 41.50 7.01 -22.91
N PHE A 167 40.19 7.20 -22.75
CA PHE A 167 39.40 6.16 -22.10
C PHE A 167 39.47 4.85 -22.90
N LEU A 168 39.25 4.93 -24.21
CA LEU A 168 39.18 3.67 -24.97
C LEU A 168 40.52 2.91 -24.98
N ASN A 169 41.66 3.63 -25.01
CA ASN A 169 42.94 2.96 -24.90
C ASN A 169 43.04 2.24 -23.56
N LEU A 170 42.60 2.90 -22.48
CA LEU A 170 42.66 2.26 -21.18
C LEU A 170 41.71 1.07 -21.08
N TYR A 171 40.49 1.22 -21.60
CA TYR A 171 39.52 0.16 -21.52
C TYR A 171 40.02 -1.07 -22.31
N ASN A 172 40.62 -0.81 -23.46
CA ASN A 172 41.21 -1.90 -24.27
C ASN A 172 42.22 -2.73 -23.44
N GLN A 173 43.07 -2.04 -22.69
CA GLN A 173 44.07 -2.72 -21.84
C GLN A 173 43.39 -3.41 -20.66
N LEU A 174 42.37 -2.79 -20.08
CA LEU A 174 41.64 -3.41 -18.98
C LEU A 174 41.00 -4.74 -19.40
N LEU A 175 40.40 -4.77 -20.59
CA LEU A 175 39.74 -5.95 -21.09
C LEU A 175 40.73 -7.07 -21.38
N LYS A 176 41.94 -6.68 -21.76
CA LYS A 176 42.98 -7.61 -22.10
C LYS A 176 43.37 -8.40 -20.86
N ILE A 177 43.38 -7.75 -19.70
CA ILE A 177 43.89 -8.42 -18.52
C ILE A 177 42.84 -8.90 -17.55
N ARG A 178 41.56 -8.78 -17.89
CA ARG A 178 40.57 -9.05 -16.87
C ARG A 178 40.39 -10.55 -16.68
N LYS A 179 40.12 -10.92 -15.42
CA LYS A 179 39.99 -12.29 -14.97
C LYS A 179 38.97 -13.07 -15.78
N MET B 1 -2.22 -20.57 33.62
CA MET B 1 -2.43 -19.22 34.13
C MET B 1 -3.54 -18.52 33.35
N VAL B 2 -3.99 -17.37 33.84
CA VAL B 2 -5.17 -16.72 33.25
C VAL B 2 -4.87 -15.40 32.55
N GLU B 3 -3.90 -14.62 33.04
CA GLU B 3 -3.54 -13.35 32.40
C GLU B 3 -2.28 -13.49 31.55
N TYR B 4 -1.37 -14.32 32.05
CA TYR B 4 -0.04 -14.36 31.50
C TYR B 4 0.30 -15.71 30.93
N HIS B 5 1.15 -15.72 29.91
CA HIS B 5 1.81 -16.95 29.53
C HIS B 5 3.29 -16.67 29.79
N ILE B 6 3.90 -17.47 30.64
CA ILE B 6 5.30 -17.22 31.05
C ILE B 6 6.10 -18.46 30.65
N PRO B 7 6.53 -18.53 29.38
CA PRO B 7 7.16 -19.77 28.92
C PRO B 7 8.51 -19.97 29.60
N SER B 8 8.78 -21.21 30.00
CA SER B 8 10.12 -21.59 30.45
C SER B 8 11.09 -21.57 29.27
N TRP B 9 12.38 -21.56 29.55
CA TRP B 9 13.36 -21.74 28.48
C TRP B 9 13.15 -23.06 27.78
N ASP B 10 12.72 -24.08 28.55
CA ASP B 10 12.39 -25.37 28.00
C ASP B 10 11.31 -25.23 26.91
N GLU B 11 10.27 -24.44 27.20
CA GLU B 11 9.23 -24.22 26.19
C GLU B 11 9.76 -23.39 25.01
N ILE B 12 10.59 -22.38 25.28
CA ILE B 12 11.21 -21.61 24.19
C ILE B 12 11.97 -22.56 23.27
N GLU B 13 12.74 -23.48 23.84
CA GLU B 13 13.47 -24.44 23.01
C GLU B 13 12.52 -25.26 22.14
N ASP B 14 11.41 -25.69 22.72
CA ASP B 14 10.44 -26.49 21.98
C ASP B 14 9.74 -25.69 20.89
N ALA B 15 9.52 -24.40 21.15
CA ALA B 15 8.97 -23.50 20.13
C ALA B 15 9.90 -23.44 18.92
N VAL B 16 11.21 -23.32 19.20
CA VAL B 16 12.19 -23.24 18.12
C VAL B 16 12.29 -24.57 17.38
N PHE B 17 12.24 -25.68 18.12
CA PHE B 17 12.24 -27.01 17.52
C PHE B 17 11.06 -27.10 16.57
N SER B 18 9.92 -26.59 17.05
CA SER B 18 8.68 -26.70 16.27
C SER B 18 8.76 -25.93 14.96
N ILE B 19 9.33 -24.74 15.01
CA ILE B 19 9.49 -23.93 13.80
C ILE B 19 10.52 -24.60 12.89
N GLY B 20 11.59 -25.14 13.47
CA GLY B 20 12.61 -25.81 12.68
C GLY B 20 12.04 -27.01 11.92
N GLU B 21 11.26 -27.82 12.63
CA GLU B 21 10.65 -28.99 12.01
C GLU B 21 9.68 -28.59 10.89
N ALA B 22 8.95 -27.50 11.11
CA ALA B 22 8.03 -27.02 10.07
C ALA B 22 8.76 -26.47 8.86
N LEU B 23 9.88 -25.76 9.07
CA LEU B 23 10.71 -25.32 7.95
C LEU B 23 11.19 -26.52 7.11
N VAL B 24 11.67 -27.55 7.80
CA VAL B 24 12.20 -28.71 7.08
C VAL B 24 11.06 -29.42 6.32
N LYS B 25 9.92 -29.57 6.98
CA LYS B 25 8.75 -30.21 6.36
C LYS B 25 8.30 -29.46 5.12
N SER B 26 8.29 -28.12 5.19
CA SER B 26 7.95 -27.27 4.05
C SER B 26 9.05 -27.19 3.00
N ASN B 27 10.20 -27.77 3.29
CA ASN B 27 11.38 -27.62 2.47
C ASN B 27 11.71 -26.13 2.23
N TYR B 28 11.64 -25.32 3.28
CA TYR B 28 12.11 -23.93 3.20
C TYR B 28 13.30 -23.76 4.11
N ILE B 29 14.49 -23.87 3.54
CA ILE B 29 15.70 -23.71 4.32
C ILE B 29 16.28 -22.37 3.94
N PRO B 30 16.10 -21.38 4.82
CA PRO B 30 16.52 -20.00 4.50
C PRO B 30 18.00 -19.90 4.19
N ASP B 31 18.37 -19.05 3.24
CA ASP B 31 19.75 -18.64 3.09
C ASP B 31 20.14 -17.63 4.18
N VAL B 32 19.21 -16.78 4.57
CA VAL B 32 19.47 -15.67 5.50
C VAL B 32 18.36 -15.54 6.52
N LEU B 33 18.70 -15.53 7.81
CA LEU B 33 17.76 -15.14 8.85
C LEU B 33 17.80 -13.65 9.06
N ILE B 34 16.65 -13.00 9.10
CA ILE B 34 16.62 -11.59 9.47
C ILE B 34 16.00 -11.53 10.85
N ALA B 35 16.82 -11.29 11.86
CA ALA B 35 16.32 -11.17 13.22
C ALA B 35 15.74 -9.79 13.48
N VAL B 36 14.51 -9.75 13.98
CA VAL B 36 13.91 -8.49 14.40
C VAL B 36 14.52 -8.11 15.76
N LEU B 37 15.21 -6.98 15.83
CA LEU B 37 15.82 -6.56 17.11
C LEU B 37 14.77 -5.87 17.98
N THR B 38 14.71 -6.19 19.28
CA THR B 38 15.61 -7.16 19.92
C THR B 38 14.87 -8.40 20.39
N GLY B 39 13.55 -8.48 20.21
CA GLY B 39 12.81 -9.68 20.63
C GLY B 39 13.15 -10.94 19.83
N GLY B 40 13.57 -10.75 18.59
CA GLY B 40 13.80 -11.86 17.70
C GLY B 40 15.23 -12.40 17.81
N ILE B 41 16.04 -11.76 18.63
CA ILE B 41 17.46 -12.06 18.81
CA ILE B 41 17.44 -12.10 18.57
C ILE B 41 17.69 -13.47 19.23
N ILE B 42 17.04 -13.82 20.32
CA ILE B 42 17.27 -15.13 20.87
C ILE B 42 16.61 -16.25 20.05
N PRO B 43 15.36 -16.09 19.61
CA PRO B 43 14.81 -17.07 18.68
C PRO B 43 15.66 -17.26 17.42
N ALA B 44 16.20 -16.18 16.85
CA ALA B 44 16.97 -16.33 15.62
C ALA B 44 18.29 -17.09 15.90
N LYS B 45 18.95 -16.80 17.01
CA LYS B 45 20.18 -17.50 17.34
C LYS B 45 19.93 -18.98 17.60
N LEU B 46 18.87 -19.29 18.35
CA LEU B 46 18.56 -20.70 18.62
C LEU B 46 18.20 -21.42 17.34
N LEU B 47 17.40 -20.77 16.48
CA LEU B 47 17.02 -21.39 15.21
C LEU B 47 18.26 -21.62 14.35
N SER B 48 19.16 -20.65 14.33
CA SER B 48 20.42 -20.77 13.60
C SER B 48 21.24 -21.98 14.08
N ASP B 49 21.37 -22.15 15.39
CA ASP B 49 22.12 -23.29 15.93
C ASP B 49 21.42 -24.62 15.56
N LEU B 50 20.10 -24.66 15.69
CA LEU B 50 19.34 -25.87 15.39
C LEU B 50 19.52 -26.34 13.94
N LEU B 51 19.42 -25.42 12.97
CA LEU B 51 19.40 -25.78 11.55
C LEU B 51 20.74 -25.52 10.85
N ASP B 52 21.72 -25.09 11.64
CA ASP B 52 23.06 -24.78 11.10
C ASP B 52 22.98 -23.71 10.01
N LEU B 53 22.23 -22.64 10.29
CA LEU B 53 22.13 -21.51 9.38
C LEU B 53 23.20 -20.50 9.75
N LYS B 54 24.09 -20.18 8.82
CA LYS B 54 25.30 -19.44 9.18
C LYS B 54 25.14 -17.94 9.00
N VAL B 55 24.10 -17.53 8.30
CA VAL B 55 23.96 -16.13 7.96
C VAL B 55 22.76 -15.50 8.65
N ILE B 56 23.06 -14.67 9.65
CA ILE B 56 22.03 -13.93 10.35
C ILE B 56 22.27 -12.43 10.13
N ARG B 57 21.23 -11.72 9.74
CA ARG B 57 21.28 -10.25 9.64
C ARG B 57 20.17 -9.69 10.52
N TYR B 58 20.05 -8.37 10.62
CA TYR B 58 19.29 -7.77 11.72
C TYR B 58 18.57 -6.51 11.27
N ILE B 59 17.40 -6.24 11.84
CA ILE B 59 16.76 -4.96 11.58
C ILE B 59 16.29 -4.42 12.91
N ASP B 60 16.70 -3.20 13.22
CA ASP B 60 16.37 -2.54 14.46
C ASP B 60 15.07 -1.81 14.27
N ILE B 61 14.01 -2.33 14.87
CA ILE B 61 12.72 -1.70 14.68
C ILE B 61 12.09 -1.57 16.05
N LYS B 62 11.50 -0.41 16.32
CA LYS B 62 10.84 -0.25 17.60
C LYS B 62 9.38 0.12 17.40
N PHE B 63 8.52 -0.43 18.25
CA PHE B 63 7.09 -0.22 18.16
C PHE B 63 6.51 -0.01 19.56
N PRO B 74 5.27 1.21 13.79
CA PRO B 74 6.67 0.84 14.04
C PRO B 74 7.65 1.78 13.34
N VAL B 75 8.81 1.94 13.94
CA VAL B 75 9.82 2.85 13.44
C VAL B 75 11.11 2.06 13.19
N ILE B 76 11.65 2.15 11.97
CA ILE B 76 12.96 1.56 11.68
C ILE B 76 14.07 2.45 12.19
N ARG B 77 14.99 1.87 12.96
CA ARG B 77 16.14 2.65 13.39
C ARG B 77 17.38 2.36 12.56
N SER B 78 17.52 1.12 12.12
CA SER B 78 18.65 0.73 11.29
C SER B 78 18.37 -0.61 10.63
N VAL B 79 18.97 -0.85 9.47
CA VAL B 79 18.86 -2.15 8.80
C VAL B 79 20.28 -2.69 8.61
N TYR B 80 20.62 -3.72 9.37
CA TYR B 80 21.96 -4.28 9.34
C TYR B 80 22.03 -5.46 8.37
N THR B 81 22.17 -5.17 7.09
CA THR B 81 22.31 -6.23 6.08
C THR B 81 22.93 -5.68 4.81
N ASP B 82 23.58 -6.57 4.06
CA ASP B 82 24.02 -6.40 2.71
CA ASP B 82 23.92 -6.18 2.68
C ASP B 82 22.92 -6.85 1.74
N SER B 83 23.24 -6.91 0.47
CA SER B 83 22.26 -7.34 -0.52
C SER B 83 21.59 -8.68 -0.18
N LEU B 84 20.29 -8.73 -0.40
CA LEU B 84 19.54 -9.97 -0.19
C LEU B 84 19.00 -10.50 -1.48
N GLU B 85 19.43 -9.90 -2.60
CA GLU B 85 18.86 -10.23 -3.89
C GLU B 85 19.08 -11.71 -4.19
N GLY B 86 18.03 -12.41 -4.60
CA GLY B 86 18.16 -13.81 -4.96
C GLY B 86 18.30 -14.79 -3.79
N LYS B 87 18.13 -14.30 -2.56
CA LYS B 87 18.23 -15.15 -1.37
C LYS B 87 16.86 -15.55 -0.82
N LYS B 88 16.79 -16.71 -0.18
CA LYS B 88 15.60 -17.07 0.59
C LYS B 88 15.77 -16.52 1.99
N VAL B 89 14.86 -15.62 2.38
CA VAL B 89 14.94 -14.95 3.67
C VAL B 89 13.86 -15.44 4.62
N LEU B 90 14.22 -15.61 5.90
CA LEU B 90 13.22 -15.82 6.96
C LEU B 90 13.36 -14.74 8.02
N VAL B 91 12.30 -13.98 8.21
CA VAL B 91 12.23 -12.94 9.23
C VAL B 91 11.83 -13.64 10.52
N VAL B 92 12.53 -13.35 11.62
CA VAL B 92 12.27 -14.02 12.89
C VAL B 92 12.00 -13.02 14.00
N ASP B 93 10.84 -13.16 14.66
CA ASP B 93 10.51 -12.34 15.84
C ASP B 93 9.98 -13.21 16.99
N ASP B 94 9.82 -12.65 18.18
CA ASP B 94 9.37 -13.51 19.28
C ASP B 94 7.82 -13.59 19.30
N VAL B 95 7.15 -12.48 19.05
CA VAL B 95 5.65 -12.46 19.05
C VAL B 95 5.13 -11.62 17.90
N ALA B 96 4.03 -12.08 17.32
CA ALA B 96 3.26 -11.25 16.40
C ALA B 96 1.97 -10.92 17.13
N ASP B 97 1.88 -9.67 17.59
CA ASP B 97 0.77 -9.19 18.36
C ASP B 97 -0.20 -8.40 17.45
N THR B 98 0.15 -7.17 17.10
CA THR B 98 -0.66 -6.43 16.11
C THR B 98 -0.36 -6.88 14.68
N GLY B 99 0.85 -7.41 14.46
CA GLY B 99 1.29 -7.76 13.13
C GLY B 99 1.96 -6.58 12.42
N GLU B 100 2.00 -5.42 13.07
CA GLU B 100 2.55 -4.25 12.40
C GLU B 100 4.06 -4.39 12.18
N THR B 101 4.74 -5.00 13.15
CA THR B 101 6.19 -5.19 13.01
C THR B 101 6.53 -6.10 11.82
N LEU B 102 5.88 -7.26 11.73
CA LEU B 102 6.13 -8.15 10.60
C LEU B 102 5.74 -7.50 9.27
N GLU B 103 4.66 -6.73 9.27
CA GLU B 103 4.27 -5.97 8.08
C GLU B 103 5.39 -5.00 7.62
N ALA B 104 5.89 -4.20 8.55
CA ALA B 104 6.92 -3.21 8.25
C ALA B 104 8.19 -3.92 7.81
N VAL B 105 8.56 -5.00 8.50
CA VAL B 105 9.83 -5.68 8.15
C VAL B 105 9.69 -6.37 6.79
N SER B 106 8.57 -7.09 6.58
CA SER B 106 8.35 -7.74 5.27
C SER B 106 8.40 -6.74 4.14
N ASN B 107 7.77 -5.59 4.36
CA ASN B 107 7.67 -4.57 3.34
C ASN B 107 9.05 -4.01 2.96
N VAL B 108 9.89 -3.75 3.96
CA VAL B 108 11.18 -3.18 3.61
C VAL B 108 12.08 -4.29 3.03
N ILE B 109 12.03 -5.50 3.57
CA ILE B 109 12.88 -6.58 3.06
C ILE B 109 12.49 -6.92 1.60
N THR B 110 11.21 -6.79 1.29
CA THR B 110 10.77 -7.02 -0.10
C THR B 110 11.46 -6.04 -1.06
N MET B 111 11.78 -4.84 -0.59
CA MET B 111 12.46 -3.86 -1.45
C MET B 111 13.91 -4.25 -1.77
N PHE B 112 14.45 -5.28 -1.08
CA PHE B 112 15.78 -5.82 -1.35
C PHE B 112 15.74 -6.89 -2.46
N ASN B 113 14.54 -7.14 -2.95
CA ASN B 113 14.31 -8.14 -4.02
C ASN B 113 14.85 -9.51 -3.72
N PRO B 114 14.50 -10.07 -2.54
CA PRO B 114 14.99 -11.42 -2.24
C PRO B 114 14.25 -12.41 -3.15
N ALA B 115 14.80 -13.60 -3.34
CA ALA B 115 14.08 -14.67 -4.04
C ALA B 115 12.76 -15.00 -3.33
N LYS B 116 12.78 -15.01 -2.00
CA LYS B 116 11.58 -15.28 -1.22
C LYS B 116 11.71 -14.66 0.20
N VAL B 117 10.62 -14.13 0.74
CA VAL B 117 10.56 -13.77 2.17
C VAL B 117 9.48 -14.55 2.86
N MET B 118 9.83 -15.27 3.92
CA MET B 118 8.84 -15.83 4.81
C MET B 118 9.08 -15.28 6.20
N THR B 119 8.07 -15.41 7.04
CA THR B 119 8.14 -14.88 8.40
C THR B 119 7.92 -15.98 9.43
N ALA B 120 8.51 -15.78 10.60
CA ALA B 120 8.35 -16.72 11.72
C ALA B 120 8.24 -15.91 13.01
N ALA B 121 7.34 -16.31 13.91
CA ALA B 121 7.30 -15.75 15.24
C ALA B 121 7.02 -16.87 16.22
N LEU B 122 7.57 -16.83 17.41
CA LEU B 122 7.29 -17.95 18.32
C LEU B 122 5.79 -18.01 18.65
N TYR B 123 5.21 -16.86 18.97
CA TYR B 123 3.80 -16.80 19.36
C TYR B 123 2.99 -15.83 18.53
N LEU B 124 1.71 -16.16 18.40
CA LEU B 124 0.77 -15.41 17.54
C LEU B 124 -0.41 -14.99 18.40
N LYS B 125 -0.78 -13.72 18.36
CA LYS B 125 -2.05 -13.30 19.00
C LYS B 125 -3.18 -13.44 17.96
N PRO B 126 -4.39 -13.79 18.43
CA PRO B 126 -5.53 -13.98 17.52
C PRO B 126 -5.97 -12.72 16.78
N TRP B 127 -5.51 -11.55 17.21
CA TRP B 127 -5.86 -10.31 16.51
C TRP B 127 -4.80 -9.81 15.52
N SER B 128 -3.71 -10.55 15.35
CA SER B 128 -2.64 -10.04 14.48
C SER B 128 -3.13 -9.86 13.04
N LYS B 129 -2.76 -8.73 12.42
CA LYS B 129 -3.16 -8.43 11.04
C LYS B 129 -2.31 -9.20 10.04
N ARG B 130 -1.18 -9.74 10.50
CA ARG B 130 -0.32 -10.61 9.71
C ARG B 130 -0.14 -11.95 10.42
N ILE B 131 -0.37 -13.05 9.73
CA ILE B 131 -0.11 -14.37 10.27
C ILE B 131 1.23 -14.83 9.77
N PRO B 132 2.15 -15.13 10.71
CA PRO B 132 3.46 -15.62 10.29
C PRO B 132 3.34 -16.91 9.47
N ASP B 133 4.25 -17.14 8.55
CA ASP B 133 4.31 -18.41 7.84
C ASP B 133 4.59 -19.58 8.78
N PHE B 134 5.33 -19.30 9.85
CA PHE B 134 5.71 -20.32 10.83
C PHE B 134 5.51 -19.74 12.21
N TYR B 135 4.82 -20.46 13.09
CA TYR B 135 4.75 -20.08 14.49
C TYR B 135 4.52 -21.31 15.35
N TYR B 136 4.78 -21.19 16.65
CA TYR B 136 4.66 -22.31 17.57
C TYR B 136 3.22 -22.43 18.12
N LYS B 137 2.75 -21.36 18.75
CA LYS B 137 1.43 -21.34 19.38
C LYS B 137 0.73 -20.02 19.23
N GLN B 138 -0.57 -20.10 19.00
CA GLN B 138 -1.45 -18.95 19.07
C GLN B 138 -1.87 -18.82 20.54
N ILE B 139 -1.83 -17.61 21.07
CA ILE B 139 -1.98 -17.42 22.49
C ILE B 139 -2.74 -16.12 22.68
N ASP B 140 -3.69 -16.08 23.60
CA ASP B 140 -4.41 -14.82 23.79
C ASP B 140 -4.03 -14.09 25.08
N LYS B 141 -2.97 -14.55 25.74
CA LYS B 141 -2.51 -13.92 26.98
C LYS B 141 -1.28 -13.06 26.70
N TRP B 142 -0.94 -12.18 27.62
CA TRP B 142 0.31 -11.41 27.52
C TRP B 142 1.47 -12.34 27.86
N ILE B 143 2.42 -12.41 26.93
CA ILE B 143 3.53 -13.33 27.04
C ILE B 143 4.66 -12.63 27.75
N ILE B 144 5.21 -13.27 28.79
CA ILE B 144 6.39 -12.72 29.42
C ILE B 144 7.53 -13.62 28.98
N PHE B 145 8.44 -13.10 28.15
CA PHE B 145 9.53 -13.92 27.65
C PHE B 145 10.68 -13.93 28.66
N PRO B 146 11.53 -14.96 28.62
CA PRO B 146 12.68 -14.93 29.56
C PRO B 146 13.60 -13.71 29.35
N TRP B 147 13.60 -13.18 28.13
CA TRP B 147 14.42 -12.02 27.80
C TRP B 147 13.76 -10.65 27.88
N ASP B 148 12.48 -10.55 28.27
CA ASP B 148 11.97 -9.25 28.67
C ASP B 148 11.21 -9.31 30.01
N LYS B 149 11.45 -10.35 30.80
CA LYS B 149 10.77 -10.48 32.10
C LYS B 149 11.07 -9.28 33.02
N TRP B 150 12.28 -8.71 32.97
CA TRP B 150 12.56 -7.60 33.88
C TRP B 150 11.91 -6.31 33.41
N ASP B 151 11.78 -6.16 32.09
CA ASP B 151 11.04 -5.03 31.59
C ASP B 151 9.58 -5.11 32.08
N VAL B 152 9.01 -6.31 32.07
CA VAL B 152 7.63 -6.51 32.55
C VAL B 152 7.53 -6.28 34.06
N VAL B 153 8.46 -6.86 34.84
CA VAL B 153 8.50 -6.59 36.28
C VAL B 153 8.67 -5.11 36.62
N ARG B 154 9.47 -4.37 35.84
CA ARG B 154 9.65 -2.95 36.12
C ARG B 154 8.33 -2.18 35.95
N GLU B 155 7.46 -2.66 35.05
CA GLU B 155 6.15 -2.06 34.88
C GLU B 155 5.16 -2.58 35.93
N ASN B 156 5.22 -3.87 36.23
CA ASN B 156 4.32 -4.45 37.23
C ASN B 156 4.98 -5.52 38.09
N SER B 157 5.34 -5.14 39.30
CA SER B 157 6.08 -5.99 40.21
C SER B 157 5.36 -7.28 40.61
N ASN B 158 4.05 -7.32 40.39
CA ASN B 158 3.26 -8.49 40.82
C ASN B 158 3.39 -9.68 39.90
N VAL B 159 3.92 -9.49 38.68
CA VAL B 159 3.91 -10.62 37.73
C VAL B 159 4.69 -11.78 38.34
N PRO B 160 4.14 -12.99 38.19
CA PRO B 160 4.66 -14.16 38.89
C PRO B 160 5.90 -14.79 38.23
N VAL B 161 7.04 -14.11 38.28
CA VAL B 161 8.26 -14.67 37.70
C VAL B 161 9.26 -15.07 38.78
N ASP B 162 10.17 -16.00 38.43
CA ASP B 162 11.26 -16.43 39.30
C ASP B 162 12.31 -15.35 39.50
N LYS B 163 13.06 -15.45 40.60
CA LYS B 163 14.22 -14.56 40.89
C LYS B 163 13.90 -13.08 41.02
N LYS B 164 12.64 -12.75 41.28
CA LYS B 164 12.23 -11.33 41.39
C LYS B 164 12.91 -10.63 42.54
N GLU B 165 13.17 -11.35 43.63
CA GLU B 165 13.79 -10.75 44.81
C GLU B 165 15.20 -10.28 44.47
N ARG B 166 15.97 -11.15 43.81
CA ARG B 166 17.32 -10.77 43.41
C ARG B 166 17.26 -9.61 42.43
N PHE B 167 16.29 -9.64 41.51
CA PHE B 167 16.16 -8.51 40.60
C PHE B 167 15.83 -7.21 41.34
N LEU B 168 14.90 -7.27 42.29
CA LEU B 168 14.44 -6.04 42.95
C LEU B 168 15.56 -5.42 43.79
N ASN B 169 16.38 -6.26 44.42
CA ASN B 169 17.55 -5.75 45.14
C ASN B 169 18.51 -5.00 44.22
N LEU B 170 18.80 -5.61 43.07
CA LEU B 170 19.66 -4.98 42.05
C LEU B 170 19.03 -3.69 41.52
N TYR B 171 17.73 -3.75 41.23
CA TYR B 171 16.99 -2.60 40.71
C TYR B 171 17.10 -1.40 41.66
N ASN B 172 16.94 -1.63 42.96
CA ASN B 172 17.07 -0.58 43.96
C ASN B 172 18.47 0.03 44.00
N GLN B 173 19.49 -0.80 43.80
CA GLN B 173 20.86 -0.27 43.78
C GLN B 173 21.11 0.57 42.53
N LEU B 174 20.48 0.20 41.43
CA LEU B 174 20.63 0.93 40.18
C LEU B 174 20.04 2.32 40.32
N LEU B 175 18.84 2.37 40.90
CA LEU B 175 18.12 3.63 41.05
C LEU B 175 18.90 4.61 41.92
N LYS B 176 19.76 4.10 42.78
CA LYS B 176 20.63 4.95 43.61
C LYS B 176 21.79 5.56 42.83
N ILE B 177 21.75 5.48 41.50
CA ILE B 177 22.83 5.99 40.66
C ILE B 177 22.31 7.02 39.67
N MET C 1 -7.71 39.43 -20.81
CA MET C 1 -7.45 38.09 -21.32
C MET C 1 -8.75 37.36 -21.69
N VAL C 2 -8.62 36.13 -22.15
CA VAL C 2 -9.79 35.33 -22.49
C VAL C 2 -10.47 34.77 -21.24
N GLU C 3 -11.79 34.60 -21.34
CA GLU C 3 -12.58 34.07 -20.26
C GLU C 3 -12.44 32.53 -20.08
N TYR C 4 -12.41 31.80 -21.18
CA TYR C 4 -12.45 30.33 -21.19
C TYR C 4 -11.30 29.76 -21.98
N HIS C 5 -10.87 28.54 -21.63
CA HIS C 5 -10.05 27.77 -22.57
C HIS C 5 -11.02 26.83 -23.29
N ILE C 6 -11.00 26.86 -24.62
CA ILE C 6 -11.93 26.08 -25.44
C ILE C 6 -11.14 25.20 -26.39
N PRO C 7 -10.61 24.06 -25.88
CA PRO C 7 -9.72 23.31 -26.77
C PRO C 7 -10.42 22.72 -27.98
N SER C 8 -9.74 22.74 -29.12
CA SER C 8 -10.21 21.99 -30.30
C SER C 8 -10.04 20.48 -30.08
N TRP C 9 -10.69 19.67 -30.90
CA TRP C 9 -10.42 18.22 -30.87
C TRP C 9 -8.96 17.94 -31.17
N ASP C 10 -8.38 18.77 -32.05
CA ASP C 10 -6.97 18.65 -32.39
C ASP C 10 -6.14 18.79 -31.13
N GLU C 11 -6.46 19.78 -30.29
CA GLU C 11 -5.74 19.96 -29.04
C GLU C 11 -5.96 18.77 -28.10
N ILE C 12 -7.20 18.27 -28.02
CA ILE C 12 -7.46 17.11 -27.17
C ILE C 12 -6.62 15.92 -27.59
N GLU C 13 -6.50 15.71 -28.91
CA GLU C 13 -5.66 14.61 -29.40
C GLU C 13 -4.22 14.79 -28.92
N ASP C 14 -3.74 16.03 -29.01
CA ASP C 14 -2.37 16.32 -28.59
C ASP C 14 -2.18 16.13 -27.07
N ALA C 15 -3.22 16.43 -26.30
CA ALA C 15 -3.17 16.22 -24.85
C ALA C 15 -3.02 14.73 -24.58
N VAL C 16 -3.83 13.94 -25.27
CA VAL C 16 -3.74 12.48 -25.10
C VAL C 16 -2.38 11.92 -25.55
N PHE C 17 -1.87 12.39 -26.71
CA PHE C 17 -0.51 12.06 -27.15
C PHE C 17 0.53 12.39 -26.08
N SER C 18 0.40 13.58 -25.50
CA SER C 18 1.36 14.02 -24.49
C SER C 18 1.38 13.07 -23.27
N ILE C 19 0.19 12.69 -22.81
CA ILE C 19 0.10 11.79 -21.67
C ILE C 19 0.61 10.41 -22.05
N GLY C 20 0.26 9.94 -23.25
CA GLY C 20 0.71 8.63 -23.70
C GLY C 20 2.24 8.56 -23.77
N GLU C 21 2.84 9.62 -24.32
CA GLU C 21 4.30 9.70 -24.40
C GLU C 21 4.94 9.70 -23.01
N ALA C 22 4.30 10.37 -22.05
CA ALA C 22 4.83 10.45 -20.69
C ALA C 22 4.69 9.10 -20.01
N LEU C 23 3.59 8.39 -20.26
CA LEU C 23 3.45 7.04 -19.70
C LEU C 23 4.57 6.13 -20.19
N VAL C 24 4.89 6.21 -21.48
CA VAL C 24 5.90 5.33 -22.02
C VAL C 24 7.26 5.72 -21.44
N LYS C 25 7.58 7.02 -21.46
CA LYS C 25 8.91 7.42 -20.97
C LYS C 25 9.11 7.17 -19.49
N SER C 26 8.04 7.19 -18.70
CA SER C 26 8.17 7.03 -17.26
C SER C 26 8.01 5.60 -16.78
N ASN C 27 7.94 4.67 -17.73
CA ASN C 27 7.81 3.27 -17.40
C ASN C 27 6.52 3.01 -16.63
N TYR C 28 5.42 3.53 -17.15
CA TYR C 28 4.14 3.17 -16.55
C TYR C 28 3.10 2.88 -17.63
N ILE C 29 3.20 1.70 -18.22
CA ILE C 29 2.17 1.19 -19.12
C ILE C 29 1.08 0.54 -18.26
N PRO C 30 -0.12 1.15 -18.20
CA PRO C 30 -1.19 0.59 -17.34
C PRO C 30 -1.67 -0.77 -17.84
N ASP C 31 -2.04 -1.63 -16.90
CA ASP C 31 -2.79 -2.84 -17.23
C ASP C 31 -4.26 -2.51 -17.44
N VAL C 32 -4.74 -1.53 -16.68
CA VAL C 32 -6.16 -1.17 -16.65
C VAL C 32 -6.30 0.34 -16.61
N LEU C 33 -7.16 0.88 -17.47
CA LEU C 33 -7.59 2.28 -17.32
C LEU C 33 -8.88 2.33 -16.54
N ILE C 34 -8.96 3.25 -15.58
CA ILE C 34 -10.22 3.51 -14.91
C ILE C 34 -10.71 4.90 -15.36
N ALA C 35 -11.75 4.91 -16.18
CA ALA C 35 -12.28 6.17 -16.66
C ALA C 35 -13.20 6.77 -15.60
N VAL C 36 -12.93 8.00 -15.21
CA VAL C 36 -13.89 8.73 -14.40
C VAL C 36 -15.09 9.15 -15.25
N LEU C 37 -16.28 8.62 -14.95
CA LEU C 37 -17.46 8.96 -15.74
C LEU C 37 -17.99 10.31 -15.28
N THR C 38 -18.40 11.19 -16.20
CA THR C 38 -18.36 10.93 -17.62
C THR C 38 -17.33 11.79 -18.37
N GLY C 39 -16.68 12.74 -17.68
CA GLY C 39 -15.66 13.56 -18.34
C GLY C 39 -14.41 12.80 -18.77
N GLY C 40 -14.08 11.70 -18.11
CA GLY C 40 -12.88 10.92 -18.50
C GLY C 40 -13.12 9.89 -19.60
N ILE C 41 -14.38 9.75 -20.00
CA ILE C 41 -14.81 8.83 -21.05
CA ILE C 41 -14.65 8.68 -20.95
C ILE C 41 -14.02 8.92 -22.34
N ILE C 42 -14.04 10.12 -22.88
CA ILE C 42 -13.42 10.32 -24.19
C ILE C 42 -11.86 10.30 -24.06
N PRO C 43 -11.28 10.99 -23.05
CA PRO C 43 -9.83 10.83 -22.85
C PRO C 43 -9.41 9.36 -22.68
N ALA C 44 -10.15 8.58 -21.90
CA ALA C 44 -9.74 7.19 -21.70
C ALA C 44 -9.81 6.39 -22.99
N LYS C 45 -10.88 6.56 -23.76
CA LYS C 45 -10.98 5.83 -25.00
C LYS C 45 -9.87 6.20 -25.97
N LEU C 46 -9.54 7.49 -26.07
CA LEU C 46 -8.45 7.88 -26.97
C LEU C 46 -7.09 7.37 -26.50
N LEU C 47 -6.87 7.38 -25.18
CA LEU C 47 -5.60 6.88 -24.64
C LEU C 47 -5.51 5.38 -24.87
N SER C 48 -6.63 4.69 -24.72
CA SER C 48 -6.67 3.26 -24.99
C SER C 48 -6.30 2.94 -26.45
N ASP C 49 -6.87 3.69 -27.39
CA ASP C 49 -6.53 3.46 -28.79
C ASP C 49 -5.04 3.75 -29.05
N LEU C 50 -4.55 4.86 -28.51
CA LEU C 50 -3.15 5.27 -28.73
C LEU C 50 -2.16 4.19 -28.26
N LEU C 51 -2.37 3.69 -27.05
CA LEU C 51 -1.38 2.77 -26.43
C LEU C 51 -1.79 1.30 -26.53
N ASP C 52 -2.89 1.03 -27.23
CA ASP C 52 -3.42 -0.33 -27.41
C ASP C 52 -3.71 -0.97 -26.06
N LEU C 53 -4.38 -0.22 -25.19
CA LEU C 53 -4.74 -0.74 -23.87
C LEU C 53 -6.16 -1.33 -23.95
N LYS C 54 -6.29 -2.63 -23.78
CA LYS C 54 -7.56 -3.28 -24.08
C LYS C 54 -8.53 -3.34 -22.90
N VAL C 55 -8.05 -3.02 -21.70
CA VAL C 55 -8.89 -3.11 -20.51
C VAL C 55 -9.24 -1.74 -19.97
N ILE C 56 -10.49 -1.34 -20.18
CA ILE C 56 -11.01 -0.08 -19.63
C ILE C 56 -12.13 -0.40 -18.66
N ARG C 57 -12.05 0.15 -17.44
CA ARG C 57 -13.16 0.03 -16.49
C ARG C 57 -13.55 1.43 -16.07
N TYR C 58 -14.58 1.56 -15.23
CA TYR C 58 -15.27 2.85 -15.11
C TYR C 58 -15.73 3.09 -13.69
N ILE C 59 -15.74 4.35 -13.29
CA ILE C 59 -16.32 4.69 -11.98
C ILE C 59 -17.23 5.90 -12.15
N ASP C 60 -18.50 5.75 -11.73
CA ASP C 60 -19.48 6.81 -11.80
C ASP C 60 -19.37 7.66 -10.53
N ILE C 61 -18.78 8.84 -10.65
CA ILE C 61 -18.61 9.69 -9.48
C ILE C 61 -18.99 11.11 -9.91
N LYS C 62 -19.71 11.82 -9.05
CA LYS C 62 -20.10 13.21 -9.31
C LYS C 62 -19.59 14.13 -8.22
N PHE C 63 -19.23 15.36 -8.57
CA PHE C 63 -18.82 16.32 -7.55
C PHE C 63 -19.66 17.60 -7.66
N SER C 72 -20.74 19.06 -2.21
CA SER C 72 -19.73 19.47 -1.24
C SER C 72 -18.47 18.58 -1.32
N LYS C 73 -18.67 17.26 -1.34
CA LYS C 73 -17.58 16.35 -1.69
C LYS C 73 -18.03 15.41 -2.82
N PRO C 74 -17.07 14.71 -3.47
CA PRO C 74 -17.51 13.81 -4.54
C PRO C 74 -18.35 12.65 -4.01
N VAL C 75 -19.29 12.20 -4.83
CA VAL C 75 -20.19 11.12 -4.45
C VAL C 75 -20.04 10.00 -5.47
N ILE C 76 -19.66 8.82 -5.00
CA ILE C 76 -19.64 7.66 -5.87
C ILE C 76 -21.05 7.09 -6.02
N ARG C 77 -21.46 6.83 -7.26
CA ARG C 77 -22.75 6.21 -7.56
C ARG C 77 -22.60 4.74 -7.86
N SER C 78 -21.52 4.41 -8.58
CA SER C 78 -21.26 3.02 -8.89
C SER C 78 -19.81 2.81 -9.28
N VAL C 79 -19.32 1.59 -9.07
CA VAL C 79 -17.95 1.25 -9.48
C VAL C 79 -18.03 0.05 -10.43
N TYR C 80 -17.74 0.27 -11.70
CA TYR C 80 -17.88 -0.76 -12.70
C TYR C 80 -16.53 -1.42 -12.95
N THR C 81 -16.18 -2.37 -12.11
CA THR C 81 -14.92 -3.10 -12.30
C THR C 81 -14.94 -4.41 -11.53
N ASP C 82 -14.19 -5.38 -12.05
CA ASP C 82 -13.92 -6.56 -11.18
CA ASP C 82 -13.80 -6.63 -11.43
C ASP C 82 -12.49 -6.42 -10.65
N SER C 83 -11.93 -7.50 -10.15
CA SER C 83 -10.68 -7.43 -9.39
C SER C 83 -9.56 -6.69 -10.13
N LEU C 84 -8.85 -5.85 -9.37
CA LEU C 84 -7.72 -5.06 -9.87
C LEU C 84 -6.45 -5.52 -9.17
N GLU C 85 -6.53 -6.58 -8.39
CA GLU C 85 -5.38 -7.00 -7.57
C GLU C 85 -4.19 -7.29 -8.48
N GLY C 86 -3.04 -6.72 -8.10
CA GLY C 86 -1.81 -6.97 -8.85
C GLY C 86 -1.70 -6.19 -10.16
N LYS C 87 -2.66 -5.33 -10.49
CA LYS C 87 -2.62 -4.63 -11.77
C LYS C 87 -2.07 -3.24 -11.60
N LYS C 88 -1.42 -2.73 -12.65
CA LYS C 88 -1.09 -1.31 -12.71
C LYS C 88 -2.31 -0.54 -13.23
N VAL C 89 -2.84 0.36 -12.44
CA VAL C 89 -4.07 1.08 -12.81
C VAL C 89 -3.75 2.52 -13.09
N LEU C 90 -4.35 3.05 -14.17
CA LEU C 90 -4.32 4.50 -14.37
C LEU C 90 -5.73 5.06 -14.34
N VAL C 91 -5.97 6.01 -13.43
CA VAL C 91 -7.24 6.72 -13.39
C VAL C 91 -7.20 7.90 -14.36
N VAL C 92 -8.22 8.04 -15.20
CA VAL C 92 -8.21 9.04 -16.27
C VAL C 92 -9.39 9.98 -16.15
N ASP C 93 -9.13 11.29 -16.08
CA ASP C 93 -10.23 12.27 -16.07
C ASP C 93 -9.91 13.41 -17.03
N ASP C 94 -10.88 14.28 -17.32
CA ASP C 94 -10.60 15.39 -18.25
C ASP C 94 -9.94 16.62 -17.56
N VAL C 95 -10.42 16.98 -16.37
CA VAL C 95 -9.84 18.11 -15.63
C VAL C 95 -9.78 17.83 -14.14
N ALA C 96 -8.67 18.25 -13.52
CA ALA C 96 -8.52 18.23 -12.05
C ALA C 96 -8.61 19.67 -11.59
N ASP C 97 -9.72 20.00 -10.94
CA ASP C 97 -9.99 21.37 -10.49
C ASP C 97 -9.66 21.47 -8.99
N THR C 98 -10.54 20.96 -8.14
CA THR C 98 -10.20 20.84 -6.71
C THR C 98 -9.26 19.71 -6.41
N GLY C 99 -9.29 18.68 -7.26
CA GLY C 99 -8.53 17.48 -7.01
C GLY C 99 -9.29 16.48 -6.15
N GLU C 100 -10.48 16.84 -5.71
CA GLU C 100 -11.24 15.97 -4.80
C GLU C 100 -11.64 14.69 -5.53
N THR C 101 -11.93 14.81 -6.82
CA THR C 101 -12.39 13.62 -7.55
C THR C 101 -11.29 12.57 -7.70
N LEU C 102 -10.11 12.99 -8.15
CA LEU C 102 -8.98 12.08 -8.23
C LEU C 102 -8.59 11.52 -6.87
N GLU C 103 -8.68 12.34 -5.83
CA GLU C 103 -8.43 11.88 -4.47
C GLU C 103 -9.39 10.74 -4.09
N ALA C 104 -10.68 10.97 -4.30
CA ALA C 104 -11.70 9.99 -3.94
C ALA C 104 -11.51 8.73 -4.77
N VAL C 105 -11.25 8.88 -6.07
CA VAL C 105 -11.11 7.66 -6.91
C VAL C 105 -9.86 6.89 -6.53
N SER C 106 -8.72 7.59 -6.34
CA SER C 106 -7.49 6.90 -5.94
C SER C 106 -7.71 6.16 -4.63
N ASN C 107 -8.41 6.79 -3.70
CA ASN C 107 -8.66 6.15 -2.41
C ASN C 107 -9.47 4.85 -2.53
N VAL C 108 -10.54 4.87 -3.31
CA VAL C 108 -11.31 3.64 -3.41
C VAL C 108 -10.56 2.60 -4.24
N ILE C 109 -9.84 3.02 -5.29
CA ILE C 109 -9.16 2.00 -6.11
C ILE C 109 -8.02 1.34 -5.31
N THR C 110 -7.42 2.10 -4.41
CA THR C 110 -6.36 1.54 -3.54
C THR C 110 -6.88 0.39 -2.69
N MET C 111 -8.18 0.43 -2.32
CA MET C 111 -8.81 -0.66 -1.58
C MET C 111 -8.94 -1.96 -2.37
N PHE C 112 -8.75 -1.89 -3.69
CA PHE C 112 -8.75 -3.08 -4.55
C PHE C 112 -7.37 -3.74 -4.60
N ASN C 113 -6.44 -3.18 -3.82
CA ASN C 113 -5.05 -3.67 -3.78
C ASN C 113 -4.40 -3.86 -5.16
N PRO C 114 -4.49 -2.84 -6.02
CA PRO C 114 -3.73 -2.93 -7.27
C PRO C 114 -2.23 -2.92 -6.97
N ALA C 115 -1.43 -3.39 -7.90
CA ALA C 115 0.04 -3.20 -7.86
C ALA C 115 0.39 -1.73 -7.70
N LYS C 116 -0.35 -0.87 -8.40
CA LYS C 116 -0.08 0.57 -8.36
C LYS C 116 -1.29 1.29 -8.90
N VAL C 117 -1.63 2.45 -8.33
CA VAL C 117 -2.61 3.39 -8.92
C VAL C 117 -1.98 4.71 -9.16
N MET C 118 -2.07 5.18 -10.40
CA MET C 118 -1.64 6.51 -10.72
C MET C 118 -2.79 7.23 -11.40
N THR C 119 -2.68 8.54 -11.49
CA THR C 119 -3.78 9.36 -11.99
C THR C 119 -3.32 10.19 -13.18
N ALA C 120 -4.27 10.52 -14.04
CA ALA C 120 -4.02 11.40 -15.18
C ALA C 120 -5.23 12.25 -15.45
N ALA C 121 -5.00 13.53 -15.75
CA ALA C 121 -6.08 14.39 -16.23
C ALA C 121 -5.55 15.19 -17.38
N LEU C 122 -6.37 15.50 -18.38
CA LEU C 122 -5.85 16.31 -19.49
C LEU C 122 -5.36 17.67 -18.95
N TYR C 123 -6.17 18.31 -18.12
CA TYR C 123 -5.86 19.66 -17.63
C TYR C 123 -5.89 19.76 -16.12
N LEU C 124 -5.04 20.63 -15.59
CA LEU C 124 -4.86 20.77 -14.17
C LEU C 124 -5.03 22.24 -13.77
N LYS C 125 -5.83 22.51 -12.76
CA LYS C 125 -5.87 23.85 -12.18
C LYS C 125 -4.83 23.96 -11.06
N PRO C 126 -4.24 25.14 -10.89
CA PRO C 126 -3.16 25.37 -9.92
C PRO C 126 -3.57 25.17 -8.44
N TRP C 127 -4.86 25.32 -8.14
CA TRP C 127 -5.34 25.17 -6.78
C TRP C 127 -5.79 23.76 -6.43
N SER C 128 -5.52 22.80 -7.33
CA SER C 128 -5.89 21.42 -7.05
C SER C 128 -5.17 20.94 -5.81
N LYS C 129 -5.88 20.22 -4.95
CA LYS C 129 -5.26 19.68 -3.74
C LYS C 129 -4.37 18.51 -4.14
N ARG C 130 -4.72 17.90 -5.28
CA ARG C 130 -4.04 16.73 -5.78
C ARG C 130 -3.50 17.06 -7.17
N ILE C 131 -2.18 16.98 -7.33
CA ILE C 131 -1.58 17.11 -8.65
C ILE C 131 -1.51 15.73 -9.32
N PRO C 132 -2.20 15.56 -10.46
CA PRO C 132 -2.21 14.26 -11.13
C PRO C 132 -0.78 13.80 -11.47
N ASP C 133 -0.56 12.50 -11.52
CA ASP C 133 0.75 12.01 -11.89
C ASP C 133 1.10 12.32 -13.34
N PHE C 134 0.09 12.40 -14.18
CA PHE C 134 0.28 12.75 -15.60
C PHE C 134 -0.77 13.77 -15.97
N TYR C 135 -0.36 14.79 -16.74
CA TYR C 135 -1.31 15.74 -17.29
C TYR C 135 -0.69 16.48 -18.45
N TYR C 136 -1.51 17.12 -19.27
CA TYR C 136 -1.03 17.80 -20.46
C TYR C 136 -0.64 19.23 -20.14
N LYS C 137 -1.60 19.99 -19.65
CA LYS C 137 -1.37 21.41 -19.35
C LYS C 137 -2.02 21.93 -18.08
N GLN C 138 -1.38 22.91 -17.45
CA GLN C 138 -2.01 23.69 -16.39
C GLN C 138 -2.79 24.87 -16.97
N ILE C 139 -3.99 25.11 -16.42
CA ILE C 139 -4.94 26.11 -16.91
C ILE C 139 -5.50 26.79 -15.69
N ASP C 140 -5.70 28.09 -15.69
CA ASP C 140 -6.23 28.68 -14.46
C ASP C 140 -7.57 29.35 -14.65
N LYS C 141 -8.31 28.89 -15.65
CA LYS C 141 -9.64 29.41 -15.92
C LYS C 141 -10.55 28.25 -16.33
N TRP C 142 -11.81 28.54 -16.58
CA TRP C 142 -12.75 27.48 -16.93
C TRP C 142 -12.45 26.91 -18.28
N ILE C 143 -12.57 25.59 -18.42
CA ILE C 143 -12.33 24.93 -19.68
C ILE C 143 -13.65 24.44 -20.24
N ILE C 144 -13.91 24.73 -21.50
CA ILE C 144 -15.10 24.17 -22.16
C ILE C 144 -14.61 23.03 -23.05
N PHE C 145 -14.98 21.79 -22.72
CA PHE C 145 -14.56 20.65 -23.53
C PHE C 145 -15.52 20.39 -24.71
N PRO C 146 -15.04 19.70 -25.75
CA PRO C 146 -15.97 19.39 -26.86
C PRO C 146 -17.17 18.56 -26.42
N TRP C 147 -16.99 17.81 -25.34
CA TRP C 147 -18.05 16.95 -24.83
C TRP C 147 -18.88 17.54 -23.69
N ASP C 148 -18.63 18.78 -23.28
CA ASP C 148 -19.63 19.38 -22.40
C ASP C 148 -19.97 20.82 -22.82
N LYS C 149 -19.70 21.15 -24.08
CA LYS C 149 -19.99 22.50 -24.59
C LYS C 149 -21.49 22.82 -24.55
N TRP C 150 -22.38 21.85 -24.78
CA TRP C 150 -23.82 22.19 -24.80
C TRP C 150 -24.34 22.37 -23.39
N ASP C 151 -23.73 21.70 -22.43
CA ASP C 151 -24.09 21.94 -21.05
C ASP C 151 -23.73 23.40 -20.67
N VAL C 152 -22.59 23.86 -21.16
CA VAL C 152 -22.18 25.25 -20.94
C VAL C 152 -23.12 26.25 -21.65
N VAL C 153 -23.50 25.94 -22.88
CA VAL C 153 -24.41 26.82 -23.61
C VAL C 153 -25.78 26.87 -22.92
N ARG C 154 -26.21 25.77 -22.31
CA ARG C 154 -27.49 25.75 -21.63
C ARG C 154 -27.47 26.66 -20.39
N GLU C 155 -26.28 26.85 -19.81
CA GLU C 155 -26.12 27.78 -18.68
C GLU C 155 -26.00 29.23 -19.16
N ASN C 156 -25.24 29.44 -20.23
CA ASN C 156 -25.09 30.77 -20.82
C ASN C 156 -24.94 30.71 -22.33
N SER C 157 -25.98 31.13 -23.05
CA SER C 157 -26.04 30.96 -24.50
C SER C 157 -25.11 31.91 -25.26
N ASN C 158 -24.39 32.76 -24.53
CA ASN C 158 -23.46 33.69 -25.16
C ASN C 158 -22.06 33.12 -25.30
N VAL C 159 -21.81 31.95 -24.72
CA VAL C 159 -20.44 31.43 -24.77
C VAL C 159 -20.07 31.19 -26.23
N PRO C 160 -18.82 31.54 -26.58
CA PRO C 160 -18.43 31.56 -27.99
C PRO C 160 -18.02 30.18 -28.49
N VAL C 161 -19.00 29.34 -28.83
CA VAL C 161 -18.69 28.04 -29.42
C VAL C 161 -19.35 27.90 -30.80
N ASP C 162 -18.78 27.01 -31.62
CA ASP C 162 -19.31 26.76 -32.96
C ASP C 162 -20.58 25.91 -32.94
N LYS C 163 -21.40 26.06 -33.97
CA LYS C 163 -22.64 25.29 -34.20
C LYS C 163 -23.73 25.63 -33.19
N LYS C 164 -23.60 26.78 -32.57
CA LYS C 164 -24.55 27.18 -31.54
C LYS C 164 -25.93 27.42 -32.12
N GLU C 165 -26.00 27.92 -33.36
CA GLU C 165 -27.30 28.18 -33.96
C GLU C 165 -28.09 26.89 -34.16
N ARG C 166 -27.40 25.87 -34.66
CA ARG C 166 -28.02 24.57 -34.85
C ARG C 166 -28.48 24.02 -33.50
N PHE C 167 -27.61 24.16 -32.50
CA PHE C 167 -27.98 23.67 -31.19
C PHE C 167 -29.19 24.39 -30.64
N LEU C 168 -29.21 25.71 -30.76
CA LEU C 168 -30.29 26.48 -30.15
C LEU C 168 -31.64 26.16 -30.75
N ASN C 169 -31.67 25.90 -32.06
CA ASN C 169 -32.89 25.46 -32.71
C ASN C 169 -33.37 24.12 -32.15
N LEU C 170 -32.43 23.17 -31.97
CA LEU C 170 -32.74 21.88 -31.38
C LEU C 170 -33.22 22.04 -29.94
N TYR C 171 -32.52 22.87 -29.18
CA TYR C 171 -32.83 23.11 -27.77
C TYR C 171 -34.24 23.68 -27.62
N ASN C 172 -34.61 24.56 -28.53
CA ASN C 172 -35.96 25.12 -28.49
C ASN C 172 -37.04 24.05 -28.71
N GLN C 173 -36.77 23.10 -29.59
CA GLN C 173 -37.73 22.00 -29.78
C GLN C 173 -37.83 21.15 -28.50
N LEU C 174 -36.68 20.89 -27.88
CA LEU C 174 -36.65 20.12 -26.63
C LEU C 174 -37.42 20.75 -25.48
N LEU C 175 -37.28 22.06 -25.32
CA LEU C 175 -37.93 22.76 -24.23
C LEU C 175 -39.45 22.63 -24.37
N LYS C 176 -39.95 22.63 -25.60
CA LYS C 176 -41.37 22.41 -25.87
C LYS C 176 -41.90 21.07 -25.35
N ILE C 177 -41.39 19.99 -25.92
CA ILE C 177 -41.86 18.64 -25.61
C ILE C 177 -41.66 18.21 -24.14
N ARG C 178 -42.02 19.08 -23.20
CA ARG C 178 -41.95 18.75 -21.78
C ARG C 178 -43.08 19.41 -20.99
N GLU D 3 -12.90 -26.32 21.07
CA GLU D 3 -12.22 -25.07 20.76
C GLU D 3 -13.07 -24.26 19.80
N TYR D 4 -14.11 -24.91 19.28
CA TYR D 4 -14.99 -24.25 18.29
C TYR D 4 -16.35 -23.92 18.89
N HIS D 5 -16.96 -22.85 18.40
CA HIS D 5 -18.39 -22.66 18.58
C HIS D 5 -19.03 -23.07 17.27
N ILE D 6 -19.97 -24.00 17.33
CA ILE D 6 -20.56 -24.56 16.12
C ILE D 6 -22.09 -24.31 16.10
N PRO D 7 -22.50 -23.11 15.70
CA PRO D 7 -23.95 -22.82 15.85
C PRO D 7 -24.84 -23.67 14.96
N SER D 8 -25.95 -24.12 15.53
CA SER D 8 -27.01 -24.71 14.72
C SER D 8 -27.67 -23.64 13.85
N TRP D 9 -28.42 -24.10 12.86
CA TRP D 9 -29.20 -23.17 12.05
C TRP D 9 -30.24 -22.50 12.94
N ASP D 10 -30.74 -23.26 13.92
CA ASP D 10 -31.68 -22.69 14.92
C ASP D 10 -31.05 -21.47 15.59
N GLU D 11 -29.77 -21.58 15.99
CA GLU D 11 -29.10 -20.44 16.60
C GLU D 11 -28.89 -19.29 15.59
N ILE D 12 -28.55 -19.62 14.35
CA ILE D 12 -28.36 -18.59 13.33
C ILE D 12 -29.68 -17.80 13.14
N GLU D 13 -30.80 -18.53 13.07
CA GLU D 13 -32.12 -17.84 12.99
C GLU D 13 -32.29 -16.90 14.18
N ASP D 14 -31.92 -17.36 15.36
CA ASP D 14 -32.13 -16.53 16.55
C ASP D 14 -31.21 -15.32 16.53
N ALA D 15 -30.00 -15.50 15.98
CA ALA D 15 -29.07 -14.37 15.83
C ALA D 15 -29.68 -13.30 14.93
N VAL D 16 -30.25 -13.73 13.80
CA VAL D 16 -30.89 -12.80 12.87
C VAL D 16 -32.10 -12.13 13.54
N PHE D 17 -32.90 -12.91 14.26
CA PHE D 17 -34.04 -12.30 15.01
C PHE D 17 -33.53 -11.21 15.96
N SER D 18 -32.45 -11.53 16.66
CA SER D 18 -31.92 -10.62 17.63
C SER D 18 -31.45 -9.32 16.97
N ILE D 19 -30.74 -9.41 15.84
CA ILE D 19 -30.41 -8.23 15.07
C ILE D 19 -31.66 -7.43 14.61
N GLY D 20 -32.65 -8.12 14.06
CA GLY D 20 -33.86 -7.44 13.59
C GLY D 20 -34.56 -6.73 14.75
N GLU D 21 -34.65 -7.40 15.89
CA GLU D 21 -35.24 -6.79 17.10
C GLU D 21 -34.50 -5.53 17.55
N ALA D 22 -33.17 -5.58 17.49
CA ALA D 22 -32.34 -4.43 17.85
C ALA D 22 -32.49 -3.28 16.86
N LEU D 23 -32.58 -3.61 15.57
CA LEU D 23 -32.81 -2.59 14.55
C LEU D 23 -34.11 -1.85 14.83
N VAL D 24 -35.16 -2.60 15.10
CA VAL D 24 -36.47 -1.99 15.31
C VAL D 24 -36.47 -1.17 16.60
N LYS D 25 -35.80 -1.67 17.64
CA LYS D 25 -35.68 -0.95 18.92
C LYS D 25 -34.91 0.37 18.76
N SER D 26 -33.88 0.36 17.91
CA SER D 26 -33.11 1.58 17.60
C SER D 26 -33.81 2.47 16.57
N ASN D 27 -34.96 2.04 16.08
CA ASN D 27 -35.64 2.74 15.02
C ASN D 27 -34.68 2.96 13.84
N TYR D 28 -33.97 1.91 13.45
CA TYR D 28 -33.13 1.98 12.27
C TYR D 28 -33.56 0.90 11.29
N ILE D 29 -34.52 1.22 10.43
CA ILE D 29 -34.95 0.29 9.39
C ILE D 29 -34.20 0.66 8.13
N PRO D 30 -33.27 -0.21 7.69
CA PRO D 30 -32.45 0.11 6.52
C PRO D 30 -33.26 0.22 5.23
N ASP D 31 -32.87 1.16 4.37
CA ASP D 31 -33.37 1.18 3.00
C ASP D 31 -32.67 0.10 2.16
N VAL D 32 -31.39 -0.14 2.47
CA VAL D 32 -30.58 -1.05 1.66
C VAL D 32 -29.71 -1.89 2.59
N LEU D 33 -29.66 -3.20 2.36
CA LEU D 33 -28.67 -4.06 3.01
C LEU D 33 -27.49 -4.19 2.06
N ILE D 34 -26.29 -4.04 2.59
CA ILE D 34 -25.06 -4.36 1.85
C ILE D 34 -24.51 -5.65 2.45
N ALA D 35 -24.68 -6.76 1.75
CA ALA D 35 -24.15 -8.04 2.24
C ALA D 35 -22.66 -8.11 1.93
N VAL D 36 -21.87 -8.42 2.95
CA VAL D 36 -20.45 -8.69 2.75
C VAL D 36 -20.33 -10.09 2.16
N LEU D 37 -19.84 -10.20 0.92
CA LEU D 37 -19.68 -11.52 0.31
C LEU D 37 -18.41 -12.21 0.84
N THR D 38 -18.46 -13.50 1.18
CA THR D 38 -19.67 -14.34 1.03
C THR D 38 -20.23 -14.78 2.36
N GLY D 39 -19.52 -14.48 3.46
CA GLY D 39 -20.04 -14.86 4.77
C GLY D 39 -21.32 -14.11 5.20
N GLY D 40 -21.55 -12.93 4.64
CA GLY D 40 -22.69 -12.14 5.04
C GLY D 40 -23.91 -12.46 4.20
N ILE D 41 -23.75 -13.33 3.20
CA ILE D 41 -24.81 -13.69 2.26
CA ILE D 41 -24.85 -13.47 2.28
C ILE D 41 -26.05 -14.23 2.92
N ILE D 42 -25.83 -15.27 3.70
CA ILE D 42 -26.95 -15.94 4.33
C ILE D 42 -27.58 -15.05 5.44
N PRO D 43 -26.77 -14.41 6.31
CA PRO D 43 -27.37 -13.45 7.26
C PRO D 43 -28.18 -12.32 6.61
N ALA D 44 -27.68 -11.75 5.54
CA ALA D 44 -28.42 -10.68 4.87
C ALA D 44 -29.76 -11.17 4.26
N LYS D 45 -29.74 -12.34 3.60
CA LYS D 45 -31.00 -12.86 3.06
C LYS D 45 -32.01 -13.14 4.19
N LEU D 46 -31.56 -13.74 5.29
CA LEU D 46 -32.51 -14.05 6.36
C LEU D 46 -33.04 -12.75 7.00
N LEU D 47 -32.17 -11.75 7.14
CA LEU D 47 -32.60 -10.47 7.70
C LEU D 47 -33.58 -9.78 6.77
N SER D 48 -33.31 -9.87 5.47
CA SER D 48 -34.22 -9.30 4.46
C SER D 48 -35.63 -9.92 4.54
N ASP D 49 -35.69 -11.22 4.65
CA ASP D 49 -36.99 -11.89 4.75
C ASP D 49 -37.71 -11.48 6.05
N LEU D 50 -36.96 -11.42 7.14
CA LEU D 50 -37.53 -11.13 8.46
C LEU D 50 -38.13 -9.74 8.50
N LEU D 51 -37.40 -8.74 8.02
CA LEU D 51 -37.87 -7.35 8.06
C LEU D 51 -38.53 -6.85 6.78
N ASP D 52 -38.72 -7.72 5.80
CA ASP D 52 -39.28 -7.38 4.50
C ASP D 52 -38.49 -6.25 3.84
N LEU D 53 -37.17 -6.39 3.83
CA LEU D 53 -36.28 -5.44 3.13
C LEU D 53 -36.00 -5.93 1.72
N LYS D 54 -36.50 -5.21 0.74
CA LYS D 54 -36.47 -5.68 -0.64
C LYS D 54 -35.16 -5.42 -1.37
N VAL D 55 -34.33 -4.52 -0.83
CA VAL D 55 -33.14 -4.07 -1.58
C VAL D 55 -31.89 -4.60 -0.89
N ILE D 56 -31.28 -5.61 -1.50
CA ILE D 56 -30.01 -6.16 -1.04
C ILE D 56 -28.98 -5.89 -2.12
N ARG D 57 -27.84 -5.34 -1.72
CA ARG D 57 -26.72 -5.15 -2.66
C ARG D 57 -25.52 -5.81 -1.98
N TYR D 58 -24.38 -5.86 -2.68
CA TYR D 58 -23.32 -6.82 -2.32
C TYR D 58 -21.97 -6.19 -2.48
N ILE D 59 -21.03 -6.60 -1.63
CA ILE D 59 -19.67 -6.21 -1.87
C ILE D 59 -18.74 -7.42 -1.70
N ASP D 60 -17.92 -7.66 -2.73
CA ASP D 60 -16.98 -8.78 -2.70
C ASP D 60 -15.70 -8.27 -2.05
N ILE D 61 -15.44 -8.67 -0.82
CA ILE D 61 -14.25 -8.22 -0.12
C ILE D 61 -13.70 -9.42 0.65
N LYS D 62 -12.38 -9.55 0.68
CA LYS D 62 -11.72 -10.67 1.35
C LYS D 62 -10.72 -10.11 2.33
N PHE D 63 -10.53 -10.75 3.47
CA PHE D 63 -9.39 -10.34 4.29
C PHE D 63 -8.54 -11.58 4.49
N TYR D 64 -7.46 -11.66 3.72
CA TYR D 64 -6.55 -12.81 3.74
C TYR D 64 -5.75 -12.80 5.03
N ARG D 65 -6.08 -13.73 5.91
CA ARG D 65 -5.32 -13.98 7.13
C ARG D 65 -5.13 -15.48 7.26
N SER D 66 -4.38 -16.06 6.34
CA SER D 66 -3.97 -17.45 6.48
C SER D 66 -2.45 -17.50 6.39
N VAL D 67 -1.86 -18.54 6.98
CA VAL D 67 -0.44 -18.82 6.77
C VAL D 67 -0.21 -19.01 5.27
N GLY D 68 0.61 -18.15 4.67
CA GLY D 68 0.91 -18.26 3.25
C GLY D 68 0.09 -17.32 2.39
N LYS D 69 -1.12 -16.99 2.83
CA LYS D 69 -1.98 -16.04 2.12
C LYS D 69 -2.35 -14.89 3.05
N THR D 70 -1.47 -13.90 3.16
CA THR D 70 -1.58 -12.90 4.21
C THR D 70 -1.23 -11.50 3.72
N GLU D 71 -2.17 -10.56 3.95
CA GLU D 71 -1.97 -9.14 3.70
C GLU D 71 -2.54 -8.34 4.87
N SER D 72 -2.10 -7.11 5.03
CA SER D 72 -2.46 -6.39 6.25
C SER D 72 -3.86 -5.85 6.22
N LYS D 73 -4.46 -5.78 5.03
CA LYS D 73 -5.77 -5.12 4.89
C LYS D 73 -6.72 -5.89 4.00
N PRO D 74 -8.02 -5.72 4.25
CA PRO D 74 -9.00 -6.34 3.35
C PRO D 74 -8.82 -5.89 1.90
N VAL D 75 -9.25 -6.72 0.96
CA VAL D 75 -9.11 -6.42 -0.48
C VAL D 75 -10.49 -6.47 -1.11
N ILE D 76 -10.93 -5.35 -1.69
CA ILE D 76 -12.17 -5.36 -2.44
C ILE D 76 -11.93 -5.89 -3.83
N ARG D 77 -12.81 -6.77 -4.29
CA ARG D 77 -12.76 -7.27 -5.64
C ARG D 77 -13.81 -6.63 -6.53
N SER D 78 -14.99 -6.33 -5.96
CA SER D 78 -16.04 -5.71 -6.74
C SER D 78 -17.07 -5.12 -5.80
N VAL D 79 -17.76 -4.08 -6.24
CA VAL D 79 -18.84 -3.49 -5.44
C VAL D 79 -20.11 -3.57 -6.30
N TYR D 80 -21.04 -4.41 -5.89
CA TYR D 80 -22.24 -4.62 -6.71
C TYR D 80 -23.37 -3.76 -6.18
N THR D 81 -23.40 -2.49 -6.58
CA THR D 81 -24.49 -1.59 -6.17
C THR D 81 -24.60 -0.38 -7.08
N ASP D 82 -25.81 0.16 -7.18
CA ASP D 82 -25.91 1.49 -7.82
CA ASP D 82 -26.17 1.42 -7.75
C ASP D 82 -26.09 2.49 -6.67
N SER D 83 -26.62 3.66 -6.96
CA SER D 83 -26.56 4.77 -6.01
C SER D 83 -27.19 4.49 -4.64
N LEU D 84 -26.47 4.87 -3.59
CA LEU D 84 -26.94 4.74 -2.22
C LEU D 84 -27.19 6.12 -1.63
N GLU D 85 -27.11 7.15 -2.45
CA GLU D 85 -27.18 8.50 -1.90
C GLU D 85 -28.51 8.74 -1.16
N GLY D 86 -28.41 9.27 0.05
CA GLY D 86 -29.60 9.56 0.85
C GLY D 86 -30.30 8.35 1.45
N LYS D 87 -29.70 7.16 1.31
CA LYS D 87 -30.33 5.95 1.84
C LYS D 87 -29.77 5.58 3.20
N LYS D 88 -30.57 4.89 4.03
CA LYS D 88 -30.05 4.30 5.25
C LYS D 88 -29.51 2.93 4.90
N VAL D 89 -28.21 2.75 5.11
CA VAL D 89 -27.58 1.48 4.73
C VAL D 89 -27.22 0.64 5.96
N LEU D 90 -27.40 -0.67 5.87
CA LEU D 90 -26.86 -1.55 6.90
C LEU D 90 -25.92 -2.54 6.24
N VAL D 91 -24.67 -2.56 6.69
CA VAL D 91 -23.67 -3.54 6.22
C VAL D 91 -23.83 -4.80 7.07
N VAL D 92 -23.93 -5.97 6.43
CA VAL D 92 -24.18 -7.21 7.17
C VAL D 92 -23.10 -8.27 6.91
N ASP D 93 -22.47 -8.77 7.97
CA ASP D 93 -21.47 -9.84 7.83
C ASP D 93 -21.74 -10.92 8.85
N ASP D 94 -21.08 -12.08 8.74
CA ASP D 94 -21.33 -13.15 9.73
C ASP D 94 -20.48 -13.01 10.99
N VAL D 95 -19.21 -12.64 10.87
CA VAL D 95 -18.38 -12.45 12.06
C VAL D 95 -17.50 -11.21 11.91
N ALA D 96 -17.34 -10.46 13.00
CA ALA D 96 -16.32 -9.40 13.04
C ALA D 96 -15.21 -9.92 13.95
N ASP D 97 -14.04 -10.21 13.36
CA ASP D 97 -12.93 -10.75 14.14
C ASP D 97 -11.96 -9.61 14.48
N THR D 98 -11.20 -9.16 13.48
CA THR D 98 -10.37 -7.96 13.66
C THR D 98 -11.18 -6.70 13.53
N GLY D 99 -12.28 -6.76 12.76
CA GLY D 99 -13.07 -5.57 12.55
C GLY D 99 -12.61 -4.78 11.32
N GLU D 100 -11.55 -5.24 10.68
CA GLU D 100 -11.01 -4.55 9.49
C GLU D 100 -11.99 -4.60 8.33
N THR D 101 -12.71 -5.71 8.21
CA THR D 101 -13.62 -5.84 7.07
C THR D 101 -14.77 -4.85 7.18
N LEU D 102 -15.43 -4.82 8.33
CA LEU D 102 -16.49 -3.85 8.54
C LEU D 102 -15.99 -2.42 8.42
N GLU D 103 -14.78 -2.16 8.92
CA GLU D 103 -14.18 -0.86 8.78
C GLU D 103 -14.01 -0.46 7.29
N ALA D 104 -13.47 -1.39 6.49
CA ALA D 104 -13.22 -1.13 5.06
C ALA D 104 -14.53 -0.92 4.32
N VAL D 105 -15.52 -1.75 4.60
CA VAL D 105 -16.78 -1.62 3.90
C VAL D 105 -17.48 -0.31 4.28
N SER D 106 -17.52 0.03 5.57
CA SER D 106 -18.07 1.31 6.01
C SER D 106 -17.41 2.47 5.33
N ASN D 107 -16.08 2.40 5.22
CA ASN D 107 -15.34 3.48 4.57
C ASN D 107 -15.73 3.64 3.10
N VAL D 108 -15.84 2.54 2.37
CA VAL D 108 -16.19 2.70 0.95
C VAL D 108 -17.66 3.13 0.80
N ILE D 109 -18.56 2.56 1.59
CA ILE D 109 -19.98 2.92 1.44
C ILE D 109 -20.22 4.42 1.77
N THR D 110 -19.46 4.94 2.73
CA THR D 110 -19.59 6.33 3.08
C THR D 110 -19.29 7.22 1.86
N MET D 111 -18.43 6.76 0.94
CA MET D 111 -18.14 7.57 -0.25
C MET D 111 -19.32 7.62 -1.22
N PHE D 112 -20.36 6.83 -0.96
CA PHE D 112 -21.58 6.83 -1.78
C PHE D 112 -22.59 7.86 -1.20
N ASN D 113 -22.15 8.61 -0.19
CA ASN D 113 -23.01 9.61 0.50
C ASN D 113 -24.40 9.09 0.93
N PRO D 114 -24.43 7.92 1.60
CA PRO D 114 -25.72 7.49 2.16
C PRO D 114 -26.20 8.46 3.24
N ALA D 115 -27.48 8.40 3.57
CA ALA D 115 -27.94 9.15 4.74
C ALA D 115 -27.26 8.66 6.02
N LYS D 116 -26.99 7.36 6.10
CA LYS D 116 -26.38 6.78 7.29
C LYS D 116 -25.87 5.40 6.88
N VAL D 117 -24.74 5.00 7.42
CA VAL D 117 -24.27 3.61 7.34
C VAL D 117 -24.10 3.05 8.73
N MET D 118 -24.68 1.89 8.97
CA MET D 118 -24.42 1.19 10.22
C MET D 118 -23.98 -0.22 9.86
N THR D 119 -23.42 -0.91 10.84
CA THR D 119 -22.89 -2.27 10.61
C THR D 119 -23.54 -3.29 11.53
N ALA D 120 -23.60 -4.54 11.05
CA ALA D 120 -24.12 -5.64 11.82
C ALA D 120 -23.29 -6.89 11.52
N ALA D 121 -22.96 -7.66 12.55
CA ALA D 121 -22.37 -8.99 12.36
C ALA D 121 -23.04 -9.93 13.35
N LEU D 122 -23.27 -11.19 12.98
CA LEU D 122 -23.88 -12.11 13.91
C LEU D 122 -22.99 -12.22 15.15
N TYR D 123 -21.68 -12.42 14.95
CA TYR D 123 -20.81 -12.68 16.09
C TYR D 123 -19.65 -11.70 16.09
N LEU D 124 -19.16 -11.43 17.30
CA LEU D 124 -18.12 -10.45 17.58
C LEU D 124 -17.03 -11.11 18.41
N LYS D 125 -15.76 -10.98 17.99
CA LYS D 125 -14.65 -11.42 18.85
C LYS D 125 -14.30 -10.29 19.83
N PRO D 126 -13.80 -10.64 21.03
CA PRO D 126 -13.46 -9.67 22.08
C PRO D 126 -12.42 -8.65 21.64
N TRP D 127 -11.60 -9.02 20.68
CA TRP D 127 -10.50 -8.17 20.23
C TRP D 127 -10.78 -7.36 18.98
N SER D 128 -12.02 -7.36 18.48
CA SER D 128 -12.32 -6.52 17.34
C SER D 128 -11.98 -5.06 17.61
N LYS D 129 -11.50 -4.35 16.60
CA LYS D 129 -11.08 -2.97 16.83
C LYS D 129 -12.29 -2.06 17.04
N ARG D 130 -13.42 -2.42 16.45
CA ARG D 130 -14.66 -1.66 16.69
C ARG D 130 -15.85 -2.60 16.86
N ILE D 131 -16.74 -2.21 17.75
CA ILE D 131 -17.95 -2.97 18.00
C ILE D 131 -18.94 -2.62 16.88
N PRO D 132 -19.43 -3.62 16.15
CA PRO D 132 -20.50 -3.31 15.17
C PRO D 132 -21.67 -2.65 15.86
N ASP D 133 -22.43 -1.88 15.09
CA ASP D 133 -23.59 -1.23 15.67
C ASP D 133 -24.62 -2.23 16.17
N PHE D 134 -24.71 -3.38 15.50
CA PHE D 134 -25.63 -4.45 15.90
C PHE D 134 -24.93 -5.79 15.84
N TYR D 135 -25.10 -6.62 16.86
CA TYR D 135 -24.54 -7.97 16.84
C TYR D 135 -25.33 -8.85 17.80
N TYR D 136 -25.20 -10.16 17.60
CA TYR D 136 -25.92 -11.13 18.42
C TYR D 136 -25.12 -11.50 19.67
N LYS D 137 -23.91 -12.04 19.50
CA LYS D 137 -23.12 -12.50 20.64
C LYS D 137 -21.66 -12.24 20.44
N GLN D 138 -21.00 -11.92 21.54
CA GLN D 138 -19.56 -11.91 21.61
C GLN D 138 -19.08 -13.30 22.00
N ILE D 139 -18.09 -13.80 21.27
CA ILE D 139 -17.68 -15.20 21.28
C ILE D 139 -16.18 -15.17 21.20
N ASP D 140 -15.42 -15.96 21.97
CA ASP D 140 -14.01 -15.92 21.63
C ASP D 140 -13.51 -17.19 20.95
N LYS D 141 -14.35 -18.21 20.87
CA LYS D 141 -13.98 -19.42 20.12
C LYS D 141 -14.02 -19.17 18.61
N TRP D 142 -13.33 -20.00 17.84
CA TRP D 142 -13.46 -19.95 16.38
C TRP D 142 -14.84 -20.50 16.01
N ILE D 143 -15.57 -19.74 15.22
CA ILE D 143 -16.91 -20.14 14.87
C ILE D 143 -16.92 -20.97 13.61
N ILE D 144 -17.61 -22.11 13.63
CA ILE D 144 -17.82 -22.84 12.40
C ILE D 144 -19.26 -22.56 11.97
N PHE D 145 -19.41 -21.78 10.91
CA PHE D 145 -20.78 -21.50 10.43
C PHE D 145 -21.32 -22.65 9.62
N PRO D 146 -22.65 -22.77 9.53
CA PRO D 146 -23.17 -23.82 8.65
C PRO D 146 -22.71 -23.66 7.21
N TRP D 147 -22.40 -22.43 6.80
CA TRP D 147 -22.03 -22.18 5.42
C TRP D 147 -20.52 -22.10 5.16
N ASP D 148 -19.70 -22.34 6.18
CA ASP D 148 -18.27 -22.58 5.85
C ASP D 148 -17.70 -23.81 6.59
N LYS D 149 -18.58 -24.69 7.05
CA LYS D 149 -18.13 -25.87 7.79
C LYS D 149 -17.23 -26.77 6.95
N TRP D 150 -17.47 -26.86 5.65
CA TRP D 150 -16.63 -27.76 4.85
C TRP D 150 -15.26 -27.11 4.59
N ASP D 151 -15.22 -25.80 4.49
CA ASP D 151 -13.92 -25.16 4.40
C ASP D 151 -13.13 -25.41 5.70
N VAL D 152 -13.82 -25.34 6.83
CA VAL D 152 -13.10 -25.59 8.08
C VAL D 152 -12.58 -27.04 8.10
N VAL D 153 -13.41 -27.98 7.68
CA VAL D 153 -13.00 -29.41 7.65
C VAL D 153 -11.79 -29.62 6.72
N ARG D 154 -11.77 -28.92 5.58
CA ARG D 154 -10.68 -29.10 4.61
C ARG D 154 -9.40 -28.47 5.15
N GLU D 155 -9.49 -27.51 6.07
CA GLU D 155 -8.29 -26.73 6.43
C GLU D 155 -7.72 -27.05 7.80
N ASN D 156 -8.50 -27.74 8.62
CA ASN D 156 -8.10 -27.99 10.01
C ASN D 156 -8.21 -29.46 10.37
N SER D 157 -7.45 -29.89 11.38
CA SER D 157 -7.51 -31.30 11.78
C SER D 157 -8.62 -31.62 12.78
N ASN D 158 -9.13 -32.84 12.71
CA ASN D 158 -10.07 -33.35 13.68
C ASN D 158 -11.26 -32.45 13.92
N VAL D 159 -11.89 -31.98 12.85
CA VAL D 159 -13.03 -31.07 13.01
C VAL D 159 -14.32 -31.84 13.24
N PRO D 160 -15.01 -31.58 14.35
CA PRO D 160 -16.17 -32.39 14.70
C PRO D 160 -17.46 -31.70 14.24
N VAL D 161 -17.88 -31.99 13.02
CA VAL D 161 -19.18 -31.47 12.53
C VAL D 161 -20.08 -32.61 12.08
N ASP D 162 -21.40 -32.36 12.11
CA ASP D 162 -22.35 -33.35 11.58
C ASP D 162 -22.16 -33.49 10.08
N LYS D 163 -22.46 -34.68 9.56
CA LYS D 163 -22.45 -35.06 8.13
C LYS D 163 -21.03 -35.08 7.53
N LYS D 164 -20.03 -35.11 8.41
CA LYS D 164 -18.64 -35.22 7.98
C LYS D 164 -18.46 -36.50 7.14
N GLU D 165 -19.16 -37.57 7.52
CA GLU D 165 -19.10 -38.78 6.74
C GLU D 165 -19.49 -38.55 5.29
N ARG D 166 -20.64 -37.90 5.07
CA ARG D 166 -21.12 -37.69 3.72
C ARG D 166 -20.20 -36.74 2.97
N PHE D 167 -19.63 -35.78 3.69
CA PHE D 167 -18.71 -34.83 3.06
C PHE D 167 -17.45 -35.55 2.55
N LEU D 168 -16.84 -36.32 3.44
CA LEU D 168 -15.60 -36.97 3.04
C LEU D 168 -15.85 -37.95 1.88
N ASN D 169 -17.01 -38.59 1.84
CA ASN D 169 -17.32 -39.45 0.71
C ASN D 169 -17.38 -38.69 -0.60
N LEU D 170 -17.99 -37.51 -0.56
CA LEU D 170 -18.01 -36.68 -1.75
C LEU D 170 -16.60 -36.16 -2.11
N TYR D 171 -15.85 -35.72 -1.11
CA TYR D 171 -14.49 -35.22 -1.34
C TYR D 171 -13.62 -36.29 -2.02
N ASN D 172 -13.78 -37.55 -1.57
CA ASN D 172 -13.11 -38.67 -2.23
C ASN D 172 -13.46 -38.74 -3.72
N GLN D 173 -14.73 -38.57 -4.06
CA GLN D 173 -15.15 -38.66 -5.45
C GLN D 173 -14.64 -37.48 -6.24
N LEU D 174 -14.62 -36.31 -5.61
CA LEU D 174 -14.10 -35.09 -6.23
C LEU D 174 -12.63 -35.19 -6.63
N LEU D 175 -11.81 -35.75 -5.72
CA LEU D 175 -10.42 -36.02 -6.02
C LEU D 175 -10.22 -36.88 -7.27
N LYS D 176 -11.08 -37.88 -7.46
CA LYS D 176 -10.95 -38.81 -8.58
C LYS D 176 -11.18 -38.16 -9.94
N ILE D 177 -11.79 -36.98 -9.97
CA ILE D 177 -11.99 -36.31 -11.25
C ILE D 177 -11.28 -34.97 -11.28
N ARG D 178 -10.58 -34.63 -10.21
CA ARG D 178 -9.82 -33.38 -10.18
C ARG D 178 -8.38 -33.63 -10.60
O6 4UO E . 19.38 11.37 -18.28
C6 4UO E . 20.01 10.39 -17.49
N1 4UO E . 21.32 10.32 -17.51
C2 4UO E . 22.00 9.41 -16.83
O2 4UO E . 23.36 9.45 -16.94
N3 4UO E . 21.40 8.50 -16.07
C4 4UO E . 20.05 8.52 -15.98
C5 4UO E . 19.29 9.45 -16.70
N7 4UO E . 17.97 9.23 -16.43
C8 4UO E . 17.94 8.18 -15.58
N9 4UO E . 19.15 7.73 -15.29
C1' 4UO E . 19.45 6.65 -14.33
O4' 4UO E . 19.98 7.24 -13.16
C4' 4UO E . 21.19 6.55 -12.76
C5' 4UO E . 22.14 7.48 -12.02
O5' 4UO E . 21.46 8.27 -11.05
C3' 4UO E . 21.73 5.99 -14.07
O3' 4UO E . 22.64 4.92 -13.86
C2' 4UO E . 20.45 5.60 -14.83
O2' 4UO E . 19.99 4.33 -14.43
P PO4 F . 14.92 7.18 -11.90
O1 PO4 F . 14.48 6.69 -13.27
O2 PO4 F . 14.48 6.26 -10.86
O3 PO4 F . 16.41 7.27 -11.89
O4 PO4 F . 14.34 8.52 -11.64
S SO4 G . 24.00 4.04 -10.06
O1 SO4 G . 23.90 5.51 -10.13
O2 SO4 G . 22.67 3.45 -9.89
O3 SO4 G . 24.84 3.69 -8.91
O4 SO4 G . 24.60 3.56 -11.29
S SO4 H . 39.45 12.87 -27.33
O1 SO4 H . 39.64 13.31 -28.71
O2 SO4 H . 38.48 11.78 -27.29
O3 SO4 H . 40.71 12.37 -26.77
O4 SO4 H . 38.97 14.01 -26.53
O1 PG4 I . 24.83 5.91 -15.07
C1 PG4 I . 24.52 6.21 -16.44
C2 PG4 I . 23.41 5.28 -16.93
O2 PG4 I . 24.05 4.17 -17.64
C3 PG4 I . 24.53 4.53 -18.97
C4 PG4 I . 23.51 5.43 -19.66
O3 PG4 I . 23.42 5.02 -21.02
C5 PG4 I . 22.28 5.47 -21.66
C6 PG4 I . 21.34 4.27 -21.88
O4 PG4 I . 20.45 4.62 -22.96
C7 PG4 I . 19.44 5.62 -22.63
C8 PG4 I . 19.54 6.72 -23.73
O5 PG4 I . 20.92 6.75 -24.16
O6 4UO J . 2.41 -10.69 24.56
C6 4UO J . 3.50 -9.79 24.44
N1 4UO J . 4.56 -9.93 25.21
C2 4UO J . 5.59 -9.08 25.14
O2 4UO J . 6.62 -9.37 26.03
N3 4UO J . 5.61 -8.05 24.30
C4 4UO J . 4.54 -7.80 23.47
C5 4UO J . 3.45 -8.69 23.52
N7 4UO J . 2.52 -8.28 22.62
C8 4UO J . 3.00 -7.18 22.03
N9 4UO J . 4.20 -6.86 22.47
C1' 4UO J . 4.84 -5.66 21.94
O4' 4UO J . 5.67 -5.96 20.85
C4' 4UO J . 6.50 -4.80 20.62
C5' 4UO J . 7.75 -5.21 19.90
O5' 4UO J . 8.39 -4.08 19.31
C3' 4UO J . 6.74 -4.18 22.00
O3' 4UO J . 6.48 -2.78 21.94
C2' 4UO J . 5.72 -4.88 22.92
O2' 4UO J . 4.95 -4.00 23.72
P PO4 K . 3.69 -6.28 16.93
O1 PO4 K . 2.58 -5.59 17.71
O2 PO4 K . 3.30 -7.60 16.36
O3 PO4 K . 4.86 -6.46 17.83
O4 PO4 K . 4.03 -5.39 15.78
S SO4 L . 12.14 -4.54 21.45
O1 SO4 L . 11.11 -3.87 20.64
O2 SO4 L . 11.82 -5.96 21.58
O3 SO4 L . 13.41 -4.42 20.75
O4 SO4 L . 12.22 -3.91 22.75
C1 GOL M . 13.32 -17.26 43.97
O1 GOL M . 12.81 -17.99 42.87
C2 GOL M . 12.82 -15.85 43.78
O2 GOL M . 11.55 -15.88 43.17
C3 GOL M . 12.71 -15.04 45.06
O3 GOL M . 12.03 -13.87 44.68
O6 4UO N . -12.64 24.16 -15.92
C6 4UO N . -13.65 23.15 -15.86
N1 4UO N . -14.32 22.86 -16.97
C2 4UO N . -15.27 21.92 -16.99
O2 4UO N . -15.94 21.66 -18.18
N3 4UO N . -15.60 21.26 -15.90
C4 4UO N . -14.96 21.49 -14.72
C5 4UO N . -13.96 22.46 -14.64
N7 4UO N . -13.50 22.50 -13.34
C8 4UO N . -14.22 21.56 -12.67
N9 4UO N . -15.11 20.96 -13.45
C1' 4UO N . -16.00 19.86 -13.02
O4' 4UO N . -15.54 18.67 -13.64
C4' 4UO N . -16.63 18.01 -14.35
C5' 4UO N . -16.11 17.29 -15.57
O5' 4UO N . -15.15 16.30 -15.24
C3' 4UO N . -17.61 19.14 -14.62
O3' 4UO N . -18.93 18.65 -14.84
C2' 4UO N . -17.47 20.04 -13.39
O2' 4UO N . -18.26 19.55 -12.32
P PO4 O . -12.60 18.08 -9.17
O1 PO4 O . -13.51 17.70 -10.28
O2 PO4 O . -12.72 17.08 -8.07
O3 PO4 O . -11.18 18.12 -9.67
O4 PO4 O . -12.99 19.46 -8.66
S SO4 P . -19.63 14.58 -15.09
O1 SO4 P . -20.47 13.41 -15.36
O2 SO4 P . -20.25 15.77 -15.64
O3 SO4 P . -19.45 14.73 -13.64
O4 SO4 P . -18.36 14.37 -15.75
C1 GOL Q . -23.67 28.72 -35.96
O1 GOL Q . -23.52 29.33 -34.70
C2 GOL Q . -22.33 28.14 -36.38
O2 GOL Q . -22.36 27.79 -37.74
C3 GOL Q . -21.22 29.16 -36.11
O3 GOL Q . -19.96 28.54 -36.29
C1 PGE R . -32.43 29.23 -24.70
O1 PGE R . -32.82 30.52 -24.26
C2 PGE R . -30.94 29.08 -24.53
O2 PGE R . -30.62 28.96 -23.16
C3 PGE R . -30.07 30.17 -22.63
C4 PGE R . -29.30 29.88 -21.35
O4 PGE R . -27.82 34.39 -21.39
C6 PGE R . -28.28 33.34 -20.55
C5 PGE R . -28.57 32.14 -21.43
O3 PGE R . -29.09 31.09 -20.64
O6 4UO S . -14.45 -17.29 14.16
C6 4UO S . -14.43 -17.30 12.75
N1 4UO S . -14.98 -18.30 12.07
C2 4UO S . -14.95 -18.34 10.72
O2 4UO S . -15.55 -19.43 10.08
N3 4UO S . -14.38 -17.37 10.00
C4 4UO S . -13.80 -16.32 10.62
C5 4UO S . -13.78 -16.24 12.03
N7 4UO S . -13.11 -15.07 12.37
C8 4UO S . -12.77 -14.49 11.20
N9 4UO S . -13.11 -15.21 10.15
C1' 4UO S . -12.92 -14.76 8.74
O4' 4UO S . -14.18 -14.27 8.29
C4' 4UO S . -14.53 -14.87 7.01
C5' 4UO S . -16.03 -15.05 6.88
O5' 4UO S . -16.75 -13.83 6.94
C3' 4UO S . -13.74 -16.17 6.99
O3' 4UO S . -13.52 -16.63 5.67
C2' 4UO S . -12.44 -15.83 7.76
O2' 4UO S . -11.50 -15.23 6.89
P PO4 T . -12.45 -9.44 9.96
O1 PO4 T . -13.05 -10.61 9.31
O2 PO4 T . -13.34 -8.88 11.00
O3 PO4 T . -11.18 -9.84 10.66
O4 PO4 T . -12.14 -8.46 8.94
S SO4 U . -15.19 -15.26 2.52
O1 SO4 U . -16.21 -14.82 1.57
O2 SO4 U . -15.78 -16.08 3.58
O3 SO4 U . -14.26 -16.11 1.77
O4 SO4 U . -14.47 -14.13 3.07
S SO4 V . -22.07 -38.07 10.64
O1 SO4 V . -22.80 -38.93 9.70
O2 SO4 V . -22.96 -36.91 10.92
O3 SO4 V . -20.71 -37.76 10.09
O4 SO4 V . -21.86 -38.74 11.93
O1 PG4 W . -9.54 -5.79 25.38
C1 PG4 W . -10.30 -6.69 24.56
C2 PG4 W . -9.73 -8.12 24.68
O2 PG4 W . -8.44 -8.22 23.99
C3 PG4 W . -8.19 -7.24 22.95
C4 PG4 W . -6.74 -6.82 22.96
O3 PG4 W . -6.30 -6.78 21.61
C5 PG4 W . -5.92 -5.54 21.15
C6 PG4 W . -6.80 -5.19 19.93
O4 PG4 W . -8.18 -5.08 20.41
C7 PG4 W . -8.42 -4.04 21.40
C8 PG4 W . -9.92 -3.66 21.36
O5 PG4 W . -10.66 -4.68 22.08
#